data_5S9S
#
_entry.id   5S9S
#
_cell.length_a   80.282
_cell.length_b   108.597
_cell.length_c   111.946
_cell.angle_alpha   90.000
_cell.angle_beta   90.000
_cell.angle_gamma   90.000
#
_symmetry.space_group_name_H-M   'P 21 21 21'
#
loop_
_entity.id
_entity.type
_entity.pdbx_description
1 polymer 'N(1),N(8)-bis(glutathionyl)spermidine reductase'
2 non-polymer 'FLAVIN-ADENINE DINUCLEOTIDE'
3 non-polymer 'DIMETHYL SULFOXIDE'
4 non-polymer 1-(phenylmethyl)-4-pyrrol-1-yl-piperidine
5 non-polymer 'MAGNESIUM ION'
6 non-polymer 'BROMIDE ION'
7 water water
#
_entity_poly.entity_id   1
_entity_poly.type   'polypeptide(L)'
_entity_poly.pdbx_seq_one_letter_code
;GSHMSKAFDLVVIGAGSGGLEAGWNAATLYGKRVAVVDVQTSHGPPFYAALGGTCVNVGCVPKKLMVTGAQYMDHLRESA
GFGWEFDGSSVKANWKKLIAAKNEAVLDINKSYEGMFNDTEGLDFFLGWGSLESKNVVVVRETADPKSAVKERLQADHIL
LATGSWPQMPAIPGIEHCISSNEAFYLPEPPRRVLTVGGGFISVEFAGIFNAYKPPGGKVTLCYRNNLILRGFDETIREE
VTKQLTANGIEIMTNENPAKVSLNTDGSKHVTFESGKTLDVDVVMMAIGRIPRTNDLQLGNVGVKLTPKGGVQVDEFSRT
NVPNIYAIGDITDRLMLTPVAINEGAALVDTVFGNKPRKTDHTRVASAVFSIPPIGTCGLIEEVAAKEFEKVAVYMSSFT
PLMHNISGSKYKKFVAKIVTNHSDGTVLGVHLLGDGAPEIIQAVGVCLRLNAKISDFYNTIGVHPTSAEELCSMRTPSYY
YVKGEKMEKLPDSNL
;
_entity_poly.pdbx_strand_id   A,B
#
# COMPACT_ATOMS: atom_id res chain seq x y z
N LYS A 6 40.42 24.62 -1.10
CA LYS A 6 40.67 23.42 -0.24
C LYS A 6 40.23 23.70 1.21
N ALA A 7 39.41 24.73 1.41
CA ALA A 7 38.83 25.11 2.72
C ALA A 7 37.31 24.99 2.65
N PHE A 8 36.72 24.24 3.59
CA PHE A 8 35.25 23.94 3.64
C PHE A 8 34.73 24.05 5.07
N ASP A 9 33.49 24.52 5.22
CA ASP A 9 32.71 24.43 6.48
C ASP A 9 32.59 22.94 6.85
N LEU A 10 32.13 22.12 5.90
CA LEU A 10 31.88 20.67 6.16
C LEU A 10 32.60 19.82 5.12
N VAL A 11 33.38 18.82 5.57
CA VAL A 11 33.86 17.71 4.69
C VAL A 11 33.14 16.42 5.08
N VAL A 12 32.55 15.77 4.07
CA VAL A 12 31.82 14.49 4.22
C VAL A 12 32.63 13.40 3.54
N ILE A 13 32.96 12.36 4.30
CA ILE A 13 33.57 11.13 3.74
C ILE A 13 32.45 10.09 3.58
N GLY A 14 32.06 9.86 2.33
CA GLY A 14 31.02 8.91 1.90
C GLY A 14 29.89 9.69 1.28
N ALA A 15 29.71 9.59 -0.04
CA ALA A 15 28.67 10.27 -0.83
C ALA A 15 27.42 9.36 -0.89
N GLY A 16 26.99 8.87 0.27
CA GLY A 16 25.88 7.91 0.39
C GLY A 16 24.64 8.56 0.95
N SER A 17 23.75 7.73 1.47
CA SER A 17 22.39 8.14 1.88
C SER A 17 22.52 9.29 2.90
N GLY A 18 23.26 9.06 3.98
CA GLY A 18 23.52 10.06 5.04
C GLY A 18 24.37 11.22 4.52
N GLY A 19 25.50 10.90 3.85
CA GLY A 19 26.49 11.89 3.41
C GLY A 19 25.91 12.95 2.50
N LEU A 20 25.10 12.55 1.51
CA LEU A 20 24.56 13.49 0.50
C LEU A 20 23.43 14.34 1.10
N GLU A 21 22.62 13.78 1.99
CA GLU A 21 21.53 14.56 2.65
C GLU A 21 22.17 15.69 3.44
N ALA A 22 23.21 15.39 4.22
CA ALA A 22 23.96 16.36 5.03
C ALA A 22 24.60 17.40 4.09
N GLY A 23 25.32 16.93 3.07
CA GLY A 23 26.01 17.77 2.07
C GLY A 23 25.08 18.75 1.38
N TRP A 24 24.03 18.22 0.74
N TRP A 24 24.02 18.24 0.76
CA TRP A 24 23.03 19.01 -0.05
CA TRP A 24 23.06 19.03 -0.05
C TRP A 24 22.32 20.02 0.87
C TRP A 24 22.28 20.00 0.85
N ASN A 25 21.94 19.59 2.07
CA ASN A 25 21.20 20.44 3.03
C ASN A 25 22.10 21.58 3.43
N ALA A 26 23.30 21.26 3.86
CA ALA A 26 24.26 22.25 4.34
C ALA A 26 24.41 23.34 3.25
N ALA A 27 24.66 22.94 2.00
CA ALA A 27 24.87 23.84 0.84
C ALA A 27 23.60 24.63 0.55
N THR A 28 22.47 23.97 0.32
CA THR A 28 21.28 24.61 -0.27
C THR A 28 20.49 25.37 0.80
N LEU A 29 20.46 24.89 2.05
CA LEU A 29 19.59 25.49 3.10
C LEU A 29 20.32 26.62 3.83
N TYR A 30 21.63 26.47 4.01
CA TYR A 30 22.48 27.30 4.89
C TYR A 30 23.67 27.92 4.14
N GLY A 31 23.64 27.91 2.80
CA GLY A 31 24.68 28.50 1.93
C GLY A 31 26.08 28.19 2.43
N LYS A 32 26.30 26.98 2.94
CA LYS A 32 27.60 26.51 3.48
C LYS A 32 28.47 25.90 2.37
N ARG A 33 29.77 25.73 2.64
CA ARG A 33 30.77 25.25 1.65
C ARG A 33 31.14 23.82 2.02
N VAL A 34 30.86 22.87 1.13
CA VAL A 34 30.90 21.42 1.45
C VAL A 34 31.75 20.66 0.43
N ALA A 35 32.60 19.79 0.97
CA ALA A 35 33.36 18.77 0.22
C ALA A 35 32.77 17.37 0.48
N VAL A 36 32.41 16.63 -0.56
CA VAL A 36 32.02 15.20 -0.37
C VAL A 36 33.00 14.30 -1.12
N VAL A 37 33.54 13.31 -0.40
CA VAL A 37 34.53 12.31 -0.88
C VAL A 37 33.84 10.95 -1.07
N ASP A 38 34.06 10.30 -2.22
CA ASP A 38 33.73 8.86 -2.40
C ASP A 38 34.78 8.24 -3.34
N VAL A 39 34.89 6.93 -3.29
CA VAL A 39 35.94 6.14 -3.97
C VAL A 39 35.59 5.96 -5.46
N GLN A 40 34.34 6.16 -5.86
CA GLN A 40 33.87 5.75 -7.22
C GLN A 40 32.68 6.60 -7.63
N THR A 41 32.56 6.96 -8.93
CA THR A 41 31.48 7.89 -9.39
C THR A 41 30.25 7.12 -9.87
N SER A 42 30.35 5.82 -10.14
CA SER A 42 29.19 5.03 -10.62
C SER A 42 29.35 3.59 -10.15
N HIS A 43 28.27 2.84 -10.23
CA HIS A 43 28.04 1.54 -9.58
C HIS A 43 29.01 0.46 -10.07
N GLY A 44 29.29 -0.47 -9.19
CA GLY A 44 29.76 -1.83 -9.51
C GLY A 44 31.26 -1.98 -9.29
N PRO A 45 31.84 -3.07 -9.81
CA PRO A 45 33.24 -3.38 -9.52
C PRO A 45 34.13 -2.21 -9.92
N PRO A 46 35.28 -1.98 -9.25
CA PRO A 46 35.73 -2.80 -8.12
C PRO A 46 35.19 -2.50 -6.71
N PHE A 47 34.65 -1.31 -6.44
CA PHE A 47 34.32 -0.84 -5.06
C PHE A 47 32.82 -0.89 -4.76
N TYR A 48 31.98 -1.12 -5.78
CA TYR A 48 30.54 -1.49 -5.71
C TYR A 48 29.69 -0.29 -5.33
N ALA A 49 29.82 0.18 -4.09
CA ALA A 49 29.23 1.46 -3.65
C ALA A 49 29.98 2.57 -4.37
N ALA A 50 29.29 3.67 -4.60
CA ALA A 50 29.77 4.78 -5.43
C ALA A 50 28.97 6.01 -5.02
N LEU A 51 29.23 7.12 -5.67
CA LEU A 51 28.34 8.31 -5.65
C LEU A 51 26.88 7.84 -5.54
N GLY A 52 26.20 8.21 -4.45
CA GLY A 52 24.80 7.86 -4.18
C GLY A 52 24.71 6.88 -3.03
N GLY A 53 25.76 6.07 -2.87
CA GLY A 53 25.99 5.21 -1.70
C GLY A 53 25.56 3.79 -1.96
N THR A 54 25.55 2.98 -0.91
CA THR A 54 25.26 1.52 -0.95
C THR A 54 23.83 1.33 -1.47
N CYS A 55 22.89 2.11 -0.93
CA CYS A 55 21.46 1.92 -1.21
C CYS A 55 21.24 2.08 -2.73
N VAL A 56 21.73 3.18 -3.30
CA VAL A 56 21.54 3.49 -4.74
C VAL A 56 22.24 2.46 -5.62
N ASN A 57 23.46 2.06 -5.27
CA ASN A 57 24.36 1.27 -6.16
C ASN A 57 24.19 -0.24 -5.97
N VAL A 58 24.21 -0.72 -4.74
CA VAL A 58 24.20 -2.19 -4.45
C VAL A 58 23.32 -2.47 -3.21
N GLY A 59 22.12 -1.89 -3.16
CA GLY A 59 21.24 -1.91 -1.97
C GLY A 59 19.78 -1.73 -2.32
N CYS A 60 19.06 -0.89 -1.55
CA CYS A 60 17.59 -0.75 -1.64
C CYS A 60 17.14 -0.70 -3.11
N VAL A 61 17.75 0.16 -3.89
CA VAL A 61 17.22 0.61 -5.22
C VAL A 61 17.32 -0.54 -6.21
N PRO A 62 18.52 -1.09 -6.55
CA PRO A 62 18.59 -2.26 -7.43
C PRO A 62 17.84 -3.47 -6.85
N LYS A 63 17.92 -3.72 -5.54
CA LYS A 63 17.26 -4.90 -4.89
C LYS A 63 15.75 -4.81 -5.16
N LYS A 64 15.13 -3.63 -4.94
CA LYS A 64 13.68 -3.42 -5.11
C LYS A 64 13.32 -3.70 -6.57
N LEU A 65 14.09 -3.17 -7.52
CA LEU A 65 13.84 -3.46 -8.96
C LEU A 65 13.86 -4.97 -9.22
N MET A 66 14.78 -5.68 -8.58
CA MET A 66 14.98 -7.13 -8.84
C MET A 66 13.91 -7.95 -8.13
N VAL A 67 13.46 -7.54 -6.95
CA VAL A 67 12.31 -8.18 -6.27
C VAL A 67 11.04 -7.95 -7.11
N THR A 68 10.81 -6.75 -7.63
CA THR A 68 9.69 -6.46 -8.56
C THR A 68 9.76 -7.40 -9.76
N GLY A 69 10.94 -7.58 -10.36
CA GLY A 69 11.15 -8.58 -11.43
C GLY A 69 10.76 -9.96 -10.96
N ALA A 70 11.19 -10.36 -9.77
CA ALA A 70 10.90 -11.71 -9.23
C ALA A 70 9.40 -11.90 -9.02
N GLN A 71 8.66 -10.83 -8.66
CA GLN A 71 7.20 -10.89 -8.39
C GLN A 71 6.46 -11.38 -9.63
N TYR A 72 6.94 -11.10 -10.85
CA TYR A 72 6.24 -11.52 -12.09
C TYR A 72 6.12 -13.04 -12.18
N MET A 73 7.02 -13.83 -11.58
CA MET A 73 6.78 -15.30 -11.54
C MET A 73 5.44 -15.61 -10.87
N ASP A 74 5.13 -14.96 -9.75
CA ASP A 74 3.86 -15.14 -9.05
C ASP A 74 2.71 -14.55 -9.90
N HIS A 75 2.83 -13.31 -10.39
CA HIS A 75 1.73 -12.67 -11.15
C HIS A 75 1.37 -13.53 -12.38
N LEU A 76 2.36 -14.01 -13.15
CA LEU A 76 2.14 -14.82 -14.37
C LEU A 76 1.36 -16.08 -13.97
N ARG A 77 1.70 -16.76 -12.85
CA ARG A 77 0.97 -17.98 -12.40
C ARG A 77 -0.44 -17.58 -11.92
N GLU A 78 -0.52 -16.54 -11.09
CA GLU A 78 -1.74 -16.10 -10.39
C GLU A 78 -2.78 -15.55 -11.37
N SER A 79 -2.33 -15.06 -12.53
CA SER A 79 -3.24 -14.46 -13.54
C SER A 79 -4.27 -15.52 -14.01
N ALA A 80 -3.93 -16.81 -13.98
CA ALA A 80 -4.78 -17.91 -14.52
C ALA A 80 -6.11 -17.96 -13.78
N GLY A 81 -6.10 -17.79 -12.44
CA GLY A 81 -7.32 -17.75 -11.62
C GLY A 81 -8.29 -16.66 -12.06
N PHE A 82 -7.78 -15.57 -12.65
CA PHE A 82 -8.60 -14.43 -13.11
C PHE A 82 -8.92 -14.55 -14.60
N GLY A 83 -8.57 -15.70 -15.20
CA GLY A 83 -8.94 -16.01 -16.59
C GLY A 83 -7.86 -15.74 -17.61
N TRP A 84 -6.63 -15.39 -17.19
CA TRP A 84 -5.54 -15.16 -18.15
C TRP A 84 -4.99 -16.49 -18.61
N GLU A 85 -4.86 -16.60 -19.92
CA GLU A 85 -4.45 -17.85 -20.57
C GLU A 85 -3.26 -17.52 -21.45
N PHE A 86 -2.24 -18.35 -21.41
CA PHE A 86 -1.10 -18.23 -22.35
C PHE A 86 -0.31 -19.51 -22.25
N ASP A 87 0.64 -19.65 -23.18
CA ASP A 87 1.51 -20.83 -23.24
C ASP A 87 2.48 -20.81 -22.04
N GLY A 88 2.16 -21.53 -20.96
CA GLY A 88 2.99 -21.64 -19.75
C GLY A 88 4.37 -22.22 -20.05
N SER A 89 4.46 -23.16 -21.00
CA SER A 89 5.75 -23.77 -21.44
C SER A 89 6.64 -22.74 -22.16
N SER A 90 6.12 -21.62 -22.68
CA SER A 90 6.93 -20.56 -23.35
C SER A 90 7.59 -19.60 -22.33
N VAL A 91 7.23 -19.64 -21.05
CA VAL A 91 7.68 -18.62 -20.06
C VAL A 91 9.17 -18.83 -19.78
N LYS A 92 9.96 -17.77 -19.92
CA LYS A 92 11.40 -17.74 -19.56
C LYS A 92 11.67 -16.46 -18.78
N ALA A 93 12.56 -16.57 -17.80
CA ALA A 93 13.03 -15.46 -16.95
C ALA A 93 14.44 -15.09 -17.41
N ASN A 94 14.55 -13.97 -18.11
CA ASN A 94 15.82 -13.51 -18.68
C ASN A 94 16.51 -12.58 -17.67
N TRP A 95 17.34 -13.19 -16.83
CA TRP A 95 18.22 -12.54 -15.81
C TRP A 95 19.08 -11.47 -16.46
N LYS A 96 19.65 -11.73 -17.64
CA LYS A 96 20.61 -10.78 -18.25
C LYS A 96 19.90 -9.47 -18.58
N LYS A 97 18.67 -9.55 -19.11
N LYS A 97 18.66 -9.53 -19.08
CA LYS A 97 17.80 -8.38 -19.37
CA LYS A 97 17.86 -8.32 -19.37
C LYS A 97 17.60 -7.62 -18.05
C LYS A 97 17.56 -7.60 -18.04
N LEU A 98 17.24 -8.34 -16.97
CA LEU A 98 16.95 -7.71 -15.64
C LEU A 98 18.19 -6.92 -15.16
N ILE A 99 19.36 -7.58 -15.17
CA ILE A 99 20.64 -6.95 -14.72
C ILE A 99 20.96 -5.75 -15.62
N ALA A 100 20.82 -5.86 -16.95
CA ALA A 100 21.05 -4.72 -17.87
C ALA A 100 20.12 -3.56 -17.54
N ALA A 101 18.83 -3.82 -17.28
CA ALA A 101 17.86 -2.75 -16.96
C ALA A 101 18.20 -2.13 -15.59
N LYS A 102 18.52 -2.96 -14.58
CA LYS A 102 18.95 -2.47 -13.25
C LYS A 102 20.18 -1.56 -13.45
N ASN A 103 21.14 -1.99 -14.26
CA ASN A 103 22.43 -1.27 -14.43
C ASN A 103 22.12 0.11 -14.99
N GLU A 104 21.23 0.19 -15.99
CA GLU A 104 20.91 1.47 -16.65
C GLU A 104 20.19 2.37 -15.62
N ALA A 105 19.29 1.82 -14.82
CA ALA A 105 18.52 2.59 -13.81
C ALA A 105 19.50 3.16 -12.79
N VAL A 106 20.41 2.33 -12.28
CA VAL A 106 21.40 2.80 -11.26
C VAL A 106 22.34 3.83 -11.88
N LEU A 107 22.86 3.61 -13.10
CA LEU A 107 23.77 4.60 -13.74
C LEU A 107 23.11 5.97 -13.86
N ASP A 108 21.86 6.02 -14.31
CA ASP A 108 21.07 7.28 -14.42
C ASP A 108 21.02 7.97 -13.04
N ILE A 109 20.91 7.22 -11.94
CA ILE A 109 20.92 7.86 -10.59
C ILE A 109 22.32 8.39 -10.32
N ASN A 110 23.35 7.61 -10.65
CA ASN A 110 24.75 8.05 -10.47
C ASN A 110 24.90 9.40 -11.18
N LYS A 111 24.44 9.47 -12.45
CA LYS A 111 24.59 10.68 -13.29
C LYS A 111 23.77 11.82 -12.70
N SER A 112 22.61 11.49 -12.13
CA SER A 112 21.68 12.47 -11.53
C SER A 112 22.41 13.15 -10.36
N TYR A 113 23.18 12.41 -9.56
CA TYR A 113 23.97 12.96 -8.43
C TYR A 113 25.17 13.78 -8.92
N GLU A 114 25.81 13.33 -9.99
CA GLU A 114 26.90 14.15 -10.63
C GLU A 114 26.32 15.52 -10.98
N GLY A 115 25.14 15.55 -11.60
CA GLY A 115 24.48 16.81 -12.00
C GLY A 115 24.23 17.69 -10.78
N MET A 116 23.77 17.06 -9.69
CA MET A 116 23.49 17.75 -8.40
C MET A 116 24.75 18.48 -7.94
N PHE A 117 25.94 17.85 -7.95
CA PHE A 117 27.22 18.45 -7.46
C PHE A 117 27.65 19.64 -8.32
N ASN A 118 27.56 19.50 -9.65
CA ASN A 118 27.97 20.55 -10.62
C ASN A 118 26.99 21.73 -10.55
N ASP A 119 25.69 21.45 -10.46
CA ASP A 119 24.61 22.48 -10.50
C ASP A 119 24.37 23.12 -9.12
N THR A 120 25.32 22.99 -8.19
CA THR A 120 25.12 23.43 -6.78
C THR A 120 26.39 24.16 -6.31
N GLU A 121 26.28 25.46 -6.07
CA GLU A 121 27.43 26.28 -5.61
C GLU A 121 27.84 25.81 -4.21
N GLY A 122 29.15 25.60 -4.01
CA GLY A 122 29.78 25.33 -2.71
C GLY A 122 29.59 23.88 -2.29
N LEU A 123 29.24 23.03 -3.24
CA LEU A 123 29.04 21.57 -3.03
C LEU A 123 29.99 20.84 -3.98
N ASP A 124 31.11 20.31 -3.50
CA ASP A 124 32.10 19.77 -4.45
C ASP A 124 32.41 18.32 -4.09
N PHE A 125 32.39 17.47 -5.13
CA PHE A 125 32.76 16.04 -5.07
C PHE A 125 34.25 15.89 -5.31
N PHE A 126 34.90 15.06 -4.51
CA PHE A 126 36.32 14.67 -4.61
C PHE A 126 36.38 13.14 -4.67
N LEU A 127 37.03 12.62 -5.73
CA LEU A 127 37.18 11.17 -5.99
C LEU A 127 38.40 10.65 -5.25
N GLY A 128 38.21 9.55 -4.52
CA GLY A 128 39.31 8.86 -3.84
C GLY A 128 38.94 8.62 -2.39
N TRP A 129 39.91 8.12 -1.62
CA TRP A 129 39.74 7.57 -0.27
C TRP A 129 40.00 8.66 0.79
N GLY A 130 38.94 9.01 1.54
CA GLY A 130 39.01 9.87 2.73
C GLY A 130 39.59 9.13 3.92
N SER A 131 40.52 9.77 4.62
CA SER A 131 40.97 9.41 5.99
C SER A 131 41.21 10.71 6.78
N LEU A 132 41.36 10.60 8.09
CA LEU A 132 41.62 11.76 8.98
C LEU A 132 43.15 11.95 9.15
N GLU A 133 43.69 13.01 8.57
CA GLU A 133 45.08 13.46 8.87
C GLU A 133 45.11 13.98 10.30
N SER A 134 44.21 14.92 10.57
CA SER A 134 44.06 15.64 11.86
C SER A 134 42.62 16.14 12.05
N LYS A 135 42.33 16.59 13.28
CA LYS A 135 41.04 17.15 13.75
C LYS A 135 40.31 17.93 12.65
N ASN A 136 41.02 18.71 11.84
CA ASN A 136 40.37 19.68 10.89
C ASN A 136 40.89 19.47 9.46
N VAL A 137 41.53 18.34 9.19
CA VAL A 137 42.06 18.03 7.83
C VAL A 137 41.70 16.60 7.42
N VAL A 138 41.02 16.46 6.29
CA VAL A 138 40.80 15.16 5.62
C VAL A 138 41.76 15.08 4.43
N VAL A 139 42.43 13.95 4.28
CA VAL A 139 43.30 13.67 3.11
C VAL A 139 42.51 12.72 2.20
N VAL A 140 42.42 13.06 0.91
CA VAL A 140 41.92 12.17 -0.17
C VAL A 140 43.15 11.54 -0.84
N ARG A 141 43.30 10.23 -0.70
CA ARG A 141 44.39 9.42 -1.32
C ARG A 141 43.84 8.61 -2.50
N GLU A 142 44.72 8.10 -3.36
CA GLU A 142 44.37 7.38 -4.62
C GLU A 142 43.82 6.00 -4.29
N THR A 143 44.26 5.40 -3.18
CA THR A 143 43.77 4.05 -2.77
C THR A 143 43.51 4.03 -1.26
N ALA A 144 43.00 2.88 -0.81
CA ALA A 144 42.62 2.56 0.58
C ALA A 144 43.90 2.41 1.43
N ASP A 145 45.01 2.10 0.77
CA ASP A 145 46.35 2.10 1.42
C ASP A 145 46.66 3.54 1.86
N PRO A 146 46.90 3.78 3.16
CA PRO A 146 47.23 5.12 3.65
C PRO A 146 48.58 5.64 3.11
N LYS A 147 49.39 4.77 2.51
CA LYS A 147 50.70 5.09 1.90
C LYS A 147 50.54 5.65 0.48
N SER A 148 49.36 5.56 -0.14
CA SER A 148 49.16 5.96 -1.55
C SER A 148 49.19 7.48 -1.66
N ALA A 149 49.32 8.01 -2.88
CA ALA A 149 49.47 9.45 -3.18
C ALA A 149 48.29 10.24 -2.60
N VAL A 150 48.56 11.46 -2.14
CA VAL A 150 47.52 12.47 -1.80
C VAL A 150 47.01 13.10 -3.11
N LYS A 151 45.70 13.07 -3.31
CA LYS A 151 45.02 13.76 -4.43
C LYS A 151 44.57 15.14 -3.93
N GLU A 152 44.23 15.23 -2.65
CA GLU A 152 43.74 16.49 -2.02
C GLU A 152 43.96 16.45 -0.51
N ARG A 153 44.07 17.65 0.06
CA ARG A 153 44.09 17.94 1.51
C ARG A 153 43.01 18.98 1.75
N LEU A 154 42.06 18.65 2.62
CA LEU A 154 40.78 19.40 2.78
C LEU A 154 40.70 19.96 4.19
N GLN A 155 40.58 21.29 4.27
CA GLN A 155 40.39 22.06 5.52
C GLN A 155 38.89 22.03 5.84
N ALA A 156 38.59 21.63 7.07
CA ALA A 156 37.24 21.26 7.56
C ALA A 156 36.96 21.92 8.90
N ASP A 157 36.06 22.92 8.93
CA ASP A 157 35.47 23.45 10.18
C ASP A 157 34.64 22.35 10.87
N HIS A 158 34.12 21.38 10.10
CA HIS A 158 33.32 20.23 10.57
C HIS A 158 33.56 19.00 9.68
N ILE A 159 33.83 17.85 10.27
CA ILE A 159 34.01 16.57 9.52
C ILE A 159 32.81 15.63 9.76
N LEU A 160 32.22 15.10 8.68
CA LEU A 160 31.18 14.03 8.77
C LEU A 160 31.71 12.71 8.22
N LEU A 161 31.80 11.70 9.09
CA LEU A 161 32.01 10.27 8.72
C LEU A 161 30.67 9.64 8.33
N ALA A 162 30.55 9.20 7.07
CA ALA A 162 29.33 8.56 6.53
C ALA A 162 29.73 7.50 5.51
N THR A 163 30.58 6.56 5.92
CA THR A 163 31.27 5.63 5.01
C THR A 163 30.48 4.34 4.89
N GLY A 164 29.40 4.21 5.68
CA GLY A 164 28.46 3.06 5.63
C GLY A 164 29.11 1.78 6.14
N SER A 165 28.71 0.63 5.58
CA SER A 165 29.08 -0.75 6.02
C SER A 165 29.53 -1.58 4.81
N TRP A 166 29.77 -2.85 5.04
CA TRP A 166 30.43 -3.75 4.08
C TRP A 166 30.07 -5.14 4.49
N PRO A 167 29.91 -6.08 3.55
CA PRO A 167 29.51 -7.43 3.93
C PRO A 167 30.60 -8.09 4.76
N GLN A 168 30.20 -8.80 5.80
CA GLN A 168 31.10 -9.69 6.55
C GLN A 168 31.13 -11.06 5.86
N MET A 169 32.32 -11.62 5.64
CA MET A 169 32.48 -12.96 5.03
C MET A 169 33.08 -13.88 6.08
N PRO A 170 32.41 -14.96 6.51
CA PRO A 170 32.96 -15.79 7.57
C PRO A 170 34.29 -16.40 7.10
N ALA A 171 35.23 -16.53 8.02
CA ALA A 171 36.63 -16.91 7.73
C ALA A 171 36.70 -18.44 7.68
N ILE A 172 35.98 -19.03 6.74
CA ILE A 172 35.89 -20.51 6.61
C ILE A 172 36.73 -20.92 5.42
N PRO A 173 37.28 -22.14 5.40
CA PRO A 173 37.98 -22.64 4.21
C PRO A 173 37.06 -22.57 2.98
N GLY A 174 37.55 -21.96 1.90
CA GLY A 174 36.82 -21.83 0.62
C GLY A 174 35.92 -20.60 0.56
N ILE A 175 35.99 -19.69 1.52
CA ILE A 175 35.22 -18.42 1.48
C ILE A 175 35.45 -17.72 0.14
N GLU A 176 36.62 -17.87 -0.48
CA GLU A 176 36.95 -17.20 -1.77
C GLU A 176 36.06 -17.72 -2.91
N HIS A 177 35.35 -18.85 -2.75
CA HIS A 177 34.42 -19.39 -3.75
C HIS A 177 33.03 -18.74 -3.61
N CYS A 178 32.85 -17.95 -2.54
CA CYS A 178 31.53 -17.39 -2.12
C CYS A 178 31.45 -15.95 -2.58
N ILE A 179 30.22 -15.43 -2.70
CA ILE A 179 29.97 -14.02 -3.05
C ILE A 179 29.27 -13.36 -1.89
N SER A 180 29.17 -12.04 -1.95
CA SER A 180 28.25 -11.23 -1.13
C SER A 180 27.14 -10.68 -2.02
N SER A 181 26.22 -9.93 -1.43
CA SER A 181 25.22 -9.15 -2.18
C SER A 181 25.90 -8.32 -3.29
N ASN A 182 27.13 -7.84 -3.07
CA ASN A 182 27.80 -6.92 -4.03
C ASN A 182 27.88 -7.62 -5.39
N GLU A 183 28.36 -8.87 -5.38
CA GLU A 183 28.60 -9.70 -6.59
C GLU A 183 27.27 -10.25 -7.09
N ALA A 184 26.29 -10.49 -6.21
CA ALA A 184 24.94 -10.97 -6.58
C ALA A 184 24.36 -10.02 -7.63
N PHE A 185 24.56 -8.73 -7.47
CA PHE A 185 24.02 -7.72 -8.40
C PHE A 185 24.61 -7.82 -9.81
N TYR A 186 25.70 -8.55 -9.98
CA TYR A 186 26.43 -8.51 -11.27
C TYR A 186 26.62 -9.92 -11.83
N LEU A 187 25.98 -10.93 -11.23
CA LEU A 187 26.13 -12.30 -11.75
C LEU A 187 25.80 -12.26 -13.24
N PRO A 188 26.68 -12.77 -14.13
CA PRO A 188 26.37 -12.80 -15.56
C PRO A 188 25.22 -13.75 -15.95
N GLU A 189 24.97 -14.77 -15.14
CA GLU A 189 23.91 -15.77 -15.36
C GLU A 189 23.22 -16.05 -14.04
N PRO A 190 21.90 -16.40 -14.08
CA PRO A 190 21.16 -16.69 -12.85
C PRO A 190 21.58 -18.08 -12.41
N PRO A 191 21.87 -18.33 -11.12
CA PRO A 191 22.27 -19.66 -10.68
C PRO A 191 21.08 -20.63 -10.75
N ARG A 192 21.40 -21.84 -11.20
CA ARG A 192 20.48 -22.99 -11.14
C ARG A 192 20.28 -23.36 -9.69
N ARG A 193 21.37 -23.60 -8.97
CA ARG A 193 21.29 -23.91 -7.52
C ARG A 193 22.01 -22.81 -6.76
N VAL A 194 21.38 -22.29 -5.71
CA VAL A 194 22.06 -21.24 -4.91
C VAL A 194 21.75 -21.46 -3.44
N LEU A 195 22.77 -21.21 -2.61
CA LEU A 195 22.67 -21.19 -1.14
C LEU A 195 22.82 -19.74 -0.70
N THR A 196 21.76 -19.13 -0.21
CA THR A 196 21.84 -17.82 0.48
C THR A 196 22.08 -18.15 1.95
N VAL A 197 23.17 -17.64 2.52
CA VAL A 197 23.59 -17.94 3.91
C VAL A 197 23.19 -16.75 4.78
N GLY A 198 22.31 -17.01 5.74
CA GLY A 198 21.88 -16.01 6.73
C GLY A 198 20.37 -15.89 6.76
N GLY A 199 19.84 -15.34 7.85
CA GLY A 199 18.41 -15.31 8.17
C GLY A 199 17.86 -13.90 8.17
N GLY A 200 18.65 -12.93 7.75
CA GLY A 200 18.29 -11.50 7.73
C GLY A 200 17.58 -11.14 6.44
N PHE A 201 17.21 -9.87 6.29
CA PHE A 201 16.43 -9.37 5.14
C PHE A 201 17.20 -9.64 3.83
N ILE A 202 18.52 -9.51 3.79
CA ILE A 202 19.27 -9.56 2.50
C ILE A 202 19.25 -10.97 1.92
N SER A 203 19.51 -11.98 2.77
CA SER A 203 19.43 -13.41 2.42
C SER A 203 18.02 -13.75 1.92
N VAL A 204 16.98 -13.33 2.66
CA VAL A 204 15.55 -13.61 2.37
C VAL A 204 15.19 -12.97 1.03
N GLU A 205 15.53 -11.70 0.80
CA GLU A 205 15.15 -10.96 -0.43
C GLU A 205 15.81 -11.64 -1.62
N PHE A 206 17.07 -12.04 -1.47
CA PHE A 206 17.85 -12.63 -2.60
C PHE A 206 17.33 -14.04 -2.86
N ALA A 207 16.89 -14.77 -1.82
CA ALA A 207 16.37 -16.13 -2.03
C ALA A 207 15.11 -16.03 -2.92
N GLY A 208 14.31 -14.99 -2.69
CA GLY A 208 13.15 -14.65 -3.52
C GLY A 208 13.54 -14.33 -4.95
N ILE A 209 14.56 -13.49 -5.12
CA ILE A 209 15.01 -13.05 -6.45
C ILE A 209 15.49 -14.28 -7.22
N PHE A 210 16.40 -15.05 -6.61
CA PHE A 210 17.02 -16.21 -7.26
C PHE A 210 15.96 -17.24 -7.60
N ASN A 211 14.95 -17.35 -6.73
CA ASN A 211 13.89 -18.36 -6.89
C ASN A 211 13.07 -18.09 -8.15
N ALA A 212 12.90 -16.80 -8.49
CA ALA A 212 12.06 -16.38 -9.63
C ALA A 212 12.86 -16.53 -10.94
N TYR A 213 14.16 -16.22 -10.92
CA TYR A 213 14.98 -16.18 -12.15
C TYR A 213 15.70 -17.51 -12.37
N LYS A 214 15.55 -18.50 -11.50
CA LYS A 214 16.35 -19.75 -11.65
C LYS A 214 15.96 -20.42 -12.97
N PRO A 215 16.94 -21.01 -13.71
CA PRO A 215 16.63 -21.82 -14.89
C PRO A 215 15.91 -23.10 -14.50
N PRO A 216 15.42 -23.89 -15.50
CA PRO A 216 14.66 -25.11 -15.23
C PRO A 216 15.47 -26.09 -14.37
N GLY A 217 14.80 -26.84 -13.52
CA GLY A 217 15.42 -27.78 -12.55
C GLY A 217 16.21 -27.05 -11.49
N GLY A 218 15.92 -25.77 -11.29
CA GLY A 218 16.64 -24.89 -10.36
C GLY A 218 16.15 -25.07 -8.94
N LYS A 219 16.97 -24.70 -7.98
CA LYS A 219 16.67 -24.88 -6.54
C LYS A 219 17.35 -23.76 -5.73
N VAL A 220 16.58 -23.05 -4.91
CA VAL A 220 17.09 -22.02 -3.99
C VAL A 220 17.02 -22.58 -2.58
N THR A 221 18.17 -22.68 -1.92
CA THR A 221 18.29 -23.07 -0.49
C THR A 221 18.76 -21.86 0.31
N LEU A 222 18.07 -21.56 1.40
CA LEU A 222 18.51 -20.49 2.34
C LEU A 222 18.88 -21.24 3.62
N CYS A 223 20.09 -21.05 4.15
CA CYS A 223 20.45 -21.65 5.45
C CYS A 223 20.58 -20.54 6.51
N TYR A 224 20.26 -20.89 7.74
CA TYR A 224 20.33 -19.97 8.88
C TYR A 224 20.79 -20.75 10.12
N ARG A 225 21.74 -20.18 10.83
CA ARG A 225 22.52 -20.91 11.87
C ARG A 225 21.58 -21.21 13.05
N ASN A 226 20.52 -20.41 13.26
CA ASN A 226 19.61 -20.64 14.41
C ASN A 226 18.29 -21.20 13.87
N ASN A 227 17.25 -21.18 14.70
CA ASN A 227 16.04 -22.02 14.53
C ASN A 227 14.99 -21.35 13.62
N LEU A 228 15.03 -20.03 13.45
CA LEU A 228 13.92 -19.24 12.87
C LEU A 228 14.50 -17.95 12.29
N ILE A 229 14.30 -17.75 10.99
CA ILE A 229 14.87 -16.60 10.22
C ILE A 229 14.27 -15.31 10.78
N LEU A 230 14.89 -14.18 10.41
CA LEU A 230 14.32 -12.81 10.59
C LEU A 230 14.10 -12.52 12.08
N ARG A 231 15.12 -12.85 12.86
CA ARG A 231 15.29 -12.38 14.26
C ARG A 231 15.01 -10.88 14.28
N GLY A 232 14.25 -10.43 15.28
CA GLY A 232 13.96 -8.99 15.51
C GLY A 232 12.64 -8.59 14.91
N PHE A 233 12.12 -9.39 13.98
CA PHE A 233 10.74 -9.27 13.42
C PHE A 233 9.75 -10.01 14.31
N ASP A 234 8.47 -9.71 14.11
CA ASP A 234 7.33 -10.35 14.82
C ASP A 234 7.39 -11.87 14.64
N GLU A 235 7.18 -12.62 15.71
CA GLU A 235 7.39 -14.10 15.64
C GLU A 235 6.38 -14.76 14.68
N THR A 236 5.12 -14.31 14.70
CA THR A 236 4.07 -14.87 13.83
C THR A 236 4.54 -14.68 12.40
N ILE A 237 5.02 -13.47 12.10
CA ILE A 237 5.43 -13.13 10.71
C ILE A 237 6.67 -13.95 10.33
N ARG A 238 7.61 -14.15 11.25
CA ARG A 238 8.81 -14.97 10.97
C ARG A 238 8.39 -16.38 10.56
N GLU A 239 7.44 -16.96 11.28
CA GLU A 239 6.96 -18.34 11.00
C GLU A 239 6.21 -18.32 9.66
N GLU A 240 5.43 -17.27 9.41
CA GLU A 240 4.59 -17.23 8.21
C GLU A 240 5.44 -17.07 6.95
N VAL A 241 6.40 -16.12 6.96
N VAL A 241 6.41 -16.13 6.95
CA VAL A 241 7.30 -15.87 5.79
CA VAL A 241 7.28 -15.89 5.76
C VAL A 241 8.00 -17.18 5.46
C VAL A 241 8.02 -17.18 5.45
N THR A 242 8.51 -17.87 6.50
CA THR A 242 9.16 -19.20 6.39
C THR A 242 8.27 -20.15 5.57
N LYS A 243 7.00 -20.29 5.99
CA LYS A 243 6.00 -21.14 5.30
C LYS A 243 5.80 -20.66 3.86
N GLN A 244 5.64 -19.34 3.65
CA GLN A 244 5.25 -18.80 2.32
C GLN A 244 6.45 -18.90 1.37
N LEU A 245 7.69 -18.78 1.87
CA LEU A 245 8.90 -19.00 1.05
C LEU A 245 8.97 -20.49 0.68
N THR A 246 8.74 -21.37 1.65
CA THR A 246 8.69 -22.85 1.43
C THR A 246 7.64 -23.14 0.36
N ALA A 247 6.46 -22.56 0.51
CA ALA A 247 5.34 -22.82 -0.43
C ALA A 247 5.75 -22.40 -1.86
N ASN A 248 6.72 -21.49 -2.02
CA ASN A 248 7.09 -20.99 -3.36
C ASN A 248 8.38 -21.66 -3.84
N GLY A 249 8.77 -22.77 -3.19
CA GLY A 249 9.82 -23.68 -3.69
C GLY A 249 11.19 -23.45 -3.06
N ILE A 250 11.30 -22.51 -2.11
CA ILE A 250 12.60 -22.21 -1.42
C ILE A 250 12.72 -23.20 -0.26
N GLU A 251 13.86 -23.88 -0.14
CA GLU A 251 14.15 -24.82 0.97
C GLU A 251 14.83 -24.01 2.07
N ILE A 252 14.28 -24.01 3.28
CA ILE A 252 14.80 -23.29 4.48
C ILE A 252 15.52 -24.33 5.35
N MET A 253 16.86 -24.26 5.41
CA MET A 253 17.71 -25.09 6.31
C MET A 253 18.04 -24.24 7.54
N THR A 254 17.32 -24.43 8.62
CA THR A 254 17.56 -23.77 9.93
C THR A 254 18.45 -24.67 10.81
N ASN A 255 19.15 -24.08 11.79
CA ASN A 255 20.16 -24.75 12.63
C ASN A 255 21.25 -25.35 11.72
N GLU A 256 21.59 -24.69 10.62
CA GLU A 256 22.63 -25.18 9.67
C GLU A 256 23.57 -24.04 9.30
N ASN A 257 24.84 -24.33 9.14
CA ASN A 257 25.86 -23.28 8.85
C ASN A 257 27.04 -23.88 8.10
N PRO A 258 27.46 -23.27 6.97
CA PRO A 258 28.62 -23.76 6.21
C PRO A 258 29.90 -23.73 7.07
N ALA A 259 30.62 -24.86 7.07
CA ALA A 259 31.93 -25.06 7.71
C ALA A 259 33.02 -24.88 6.65
N LYS A 260 32.74 -25.29 5.40
CA LYS A 260 33.66 -25.00 4.28
C LYS A 260 32.98 -25.17 2.92
N VAL A 261 33.65 -24.64 1.91
CA VAL A 261 33.24 -24.71 0.50
C VAL A 261 34.48 -25.14 -0.29
N SER A 262 34.31 -26.10 -1.19
CA SER A 262 35.36 -26.47 -2.18
C SER A 262 34.77 -26.37 -3.58
N LEU A 263 35.59 -26.04 -4.59
CA LEU A 263 35.21 -26.12 -6.01
C LEU A 263 35.15 -27.59 -6.42
N ASN A 264 34.02 -28.02 -6.99
CA ASN A 264 33.94 -29.27 -7.80
C ASN A 264 34.65 -29.01 -9.13
N THR A 265 35.03 -30.07 -9.84
CA THR A 265 35.79 -29.98 -11.12
C THR A 265 34.96 -29.23 -12.18
N ASP A 266 33.63 -29.21 -12.10
CA ASP A 266 32.75 -28.51 -13.08
C ASP A 266 32.52 -27.02 -12.69
N GLY A 267 33.15 -26.53 -11.62
CA GLY A 267 33.12 -25.10 -11.23
C GLY A 267 32.03 -24.81 -10.21
N SER A 268 31.23 -25.82 -9.88
CA SER A 268 30.14 -25.74 -8.88
C SER A 268 30.75 -25.81 -7.48
N LYS A 269 29.97 -25.49 -6.45
CA LYS A 269 30.46 -25.37 -5.06
C LYS A 269 29.94 -26.52 -4.22
N HIS A 270 30.86 -27.19 -3.53
CA HIS A 270 30.57 -28.28 -2.60
C HIS A 270 30.61 -27.68 -1.18
N VAL A 271 29.43 -27.44 -0.60
CA VAL A 271 29.22 -26.86 0.74
C VAL A 271 29.15 -28.04 1.73
N THR A 272 30.05 -28.02 2.72
CA THR A 272 29.97 -28.89 3.92
C THR A 272 29.48 -28.04 5.10
N PHE A 273 28.38 -28.45 5.70
CA PHE A 273 27.78 -27.79 6.87
C PHE A 273 28.49 -28.30 8.14
N GLU A 274 28.43 -27.52 9.21
CA GLU A 274 28.92 -27.89 10.56
C GLU A 274 28.30 -29.22 10.99
N SER A 275 27.05 -29.47 10.61
CA SER A 275 26.29 -30.71 10.92
C SER A 275 26.84 -31.94 10.18
N GLY A 276 27.68 -31.75 9.16
CA GLY A 276 28.16 -32.85 8.30
C GLY A 276 27.38 -32.95 7.00
N LYS A 277 26.25 -32.27 6.86
CA LYS A 277 25.47 -32.32 5.60
C LYS A 277 26.30 -31.70 4.49
N THR A 278 26.02 -32.08 3.24
CA THR A 278 26.63 -31.47 2.05
C THR A 278 25.53 -31.02 1.09
N LEU A 279 25.89 -30.09 0.22
CA LEU A 279 24.98 -29.49 -0.78
C LEU A 279 25.87 -28.95 -1.90
N ASP A 280 25.57 -29.33 -3.14
CA ASP A 280 26.23 -28.79 -4.35
C ASP A 280 25.34 -27.66 -4.86
N VAL A 281 25.91 -26.46 -5.03
CA VAL A 281 25.20 -25.29 -5.59
C VAL A 281 26.11 -24.60 -6.60
N ASP A 282 25.54 -23.71 -7.40
CA ASP A 282 26.33 -22.94 -8.36
C ASP A 282 26.79 -21.63 -7.73
N VAL A 283 26.05 -21.13 -6.74
CA VAL A 283 26.42 -19.85 -6.05
C VAL A 283 26.17 -20.06 -4.56
N VAL A 284 27.14 -19.61 -3.76
CA VAL A 284 26.99 -19.40 -2.30
C VAL A 284 27.03 -17.90 -2.04
N MET A 285 25.90 -17.33 -1.64
CA MET A 285 25.84 -15.90 -1.33
C MET A 285 25.81 -15.77 0.18
N MET A 286 26.83 -15.13 0.75
CA MET A 286 26.89 -14.90 2.21
C MET A 286 26.16 -13.60 2.50
N ALA A 287 25.24 -13.64 3.45
CA ALA A 287 24.51 -12.44 3.92
C ALA A 287 24.28 -12.57 5.43
N ILE A 288 25.37 -12.76 6.17
CA ILE A 288 25.38 -13.12 7.62
C ILE A 288 25.58 -11.84 8.46
N GLY A 289 25.87 -10.71 7.85
CA GLY A 289 26.02 -9.44 8.58
C GLY A 289 26.70 -8.43 7.72
N ARG A 290 26.56 -7.16 8.07
CA ARG A 290 27.36 -6.04 7.51
C ARG A 290 28.08 -5.33 8.65
N ILE A 291 29.29 -4.83 8.39
CA ILE A 291 30.14 -4.22 9.44
C ILE A 291 30.54 -2.83 8.99
N PRO A 292 30.62 -1.88 9.95
CA PRO A 292 30.88 -0.48 9.60
C PRO A 292 32.27 -0.32 8.96
N ARG A 293 32.40 0.66 8.06
CA ARG A 293 33.66 0.92 7.30
C ARG A 293 34.44 2.02 8.01
N THR A 294 35.21 1.61 9.02
CA THR A 294 36.04 2.46 9.91
C THR A 294 37.54 2.31 9.59
N ASN A 295 38.03 1.09 9.38
CA ASN A 295 39.46 0.80 9.09
C ASN A 295 40.08 1.92 8.24
N ASP A 296 39.50 2.20 7.08
CA ASP A 296 40.17 2.98 6.03
C ASP A 296 40.21 4.47 6.38
N LEU A 297 39.51 4.90 7.43
CA LEU A 297 39.45 6.36 7.77
C LEU A 297 40.69 6.74 8.60
N GLN A 298 41.43 5.76 9.11
CA GLN A 298 42.64 5.95 9.96
C GLN A 298 42.21 6.76 11.19
N LEU A 299 41.30 6.20 12.00
CA LEU A 299 40.63 6.93 13.10
C LEU A 299 41.60 7.09 14.28
N GLY A 300 42.55 6.14 14.44
CA GLY A 300 43.67 6.22 15.40
C GLY A 300 44.39 7.56 15.34
N ASN A 301 44.53 8.16 14.16
CA ASN A 301 45.22 9.44 13.89
C ASN A 301 44.61 10.64 14.63
N VAL A 302 43.36 10.55 15.07
CA VAL A 302 42.69 11.66 15.84
C VAL A 302 42.01 11.11 17.10
N GLY A 303 42.02 9.79 17.31
CA GLY A 303 41.39 9.14 18.48
C GLY A 303 39.88 9.30 18.48
N VAL A 304 39.19 8.93 17.39
CA VAL A 304 37.70 8.79 17.38
C VAL A 304 37.38 7.45 18.05
N LYS A 305 36.49 7.46 19.05
CA LYS A 305 36.19 6.25 19.84
C LYS A 305 35.23 5.36 19.04
N LEU A 306 35.57 4.06 18.92
CA LEU A 306 34.74 2.96 18.38
C LEU A 306 34.09 2.19 19.54
N THR A 307 33.06 1.41 19.22
CA THR A 307 32.21 0.66 20.18
C THR A 307 32.79 -0.73 20.39
N PRO A 308 32.42 -1.43 21.50
CA PRO A 308 32.79 -2.83 21.69
C PRO A 308 32.43 -3.72 20.49
N LYS A 309 31.75 -3.14 19.49
CA LYS A 309 31.30 -3.86 18.27
C LYS A 309 32.11 -3.41 17.04
N GLY A 310 32.50 -2.14 16.93
CA GLY A 310 33.28 -1.65 15.77
C GLY A 310 32.73 -0.36 15.17
N GLY A 311 31.47 0.00 15.47
CA GLY A 311 30.86 1.26 15.00
C GLY A 311 31.42 2.47 15.71
N VAL A 312 31.51 3.60 15.01
CA VAL A 312 31.81 4.93 15.59
C VAL A 312 30.81 5.18 16.71
N GLN A 313 31.28 5.35 17.94
CA GLN A 313 30.46 5.79 19.09
C GLN A 313 29.96 7.21 18.81
N VAL A 314 28.66 7.45 18.96
CA VAL A 314 28.04 8.80 18.80
C VAL A 314 27.14 9.06 19.99
N ASP A 315 26.88 10.33 20.27
CA ASP A 315 25.78 10.76 21.16
C ASP A 315 24.53 10.95 20.28
N GLU A 316 23.45 11.43 20.89
CA GLU A 316 22.13 11.58 20.24
C GLU A 316 22.17 12.61 19.10
N PHE A 317 23.19 13.49 19.07
CA PHE A 317 23.36 14.55 18.04
C PHE A 317 24.44 14.14 17.02
N SER A 318 24.79 12.85 16.99
CA SER A 318 25.69 12.24 15.98
C SER A 318 27.13 12.70 16.25
N ARG A 319 27.43 13.19 17.45
CA ARG A 319 28.76 13.76 17.79
C ARG A 319 29.66 12.62 18.29
N THR A 320 30.88 12.56 17.75
CA THR A 320 31.97 11.68 18.27
C THR A 320 32.52 12.33 19.54
N ASN A 321 33.48 11.67 20.17
CA ASN A 321 34.27 12.21 21.31
C ASN A 321 35.14 13.40 20.86
N VAL A 322 35.39 13.56 19.55
CA VAL A 322 36.28 14.62 19.00
C VAL A 322 35.39 15.74 18.45
N PRO A 323 35.45 16.98 19.01
CA PRO A 323 34.64 18.10 18.52
C PRO A 323 34.78 18.37 17.01
N ASN A 324 33.73 18.88 16.36
CA ASN A 324 33.68 19.15 14.89
C ASN A 324 33.69 17.84 14.06
N ILE A 325 33.86 16.67 14.68
CA ILE A 325 33.79 15.32 14.00
C ILE A 325 32.49 14.60 14.40
N TYR A 326 31.65 14.30 13.40
CA TYR A 326 30.33 13.64 13.54
C TYR A 326 30.31 12.35 12.72
N ALA A 327 29.35 11.46 13.02
CA ALA A 327 29.15 10.16 12.34
C ALA A 327 27.64 9.82 12.27
N ILE A 328 27.17 9.54 11.05
CA ILE A 328 25.76 9.09 10.79
C ILE A 328 25.78 7.79 9.99
N GLY A 329 24.63 7.13 9.97
CA GLY A 329 24.38 5.99 9.08
C GLY A 329 25.03 4.74 9.61
N ASP A 330 25.31 3.79 8.71
CA ASP A 330 25.66 2.41 9.06
C ASP A 330 27.00 2.38 9.81
N ILE A 331 27.85 3.39 9.65
CA ILE A 331 29.16 3.42 10.35
C ILE A 331 28.90 3.42 11.86
N THR A 332 27.74 3.92 12.29
CA THR A 332 27.37 3.94 13.73
C THR A 332 26.89 2.53 14.16
N ASP A 333 26.74 1.57 13.24
CA ASP A 333 26.36 0.15 13.56
C ASP A 333 25.14 0.08 14.49
N ARG A 334 24.06 0.79 14.17
CA ARG A 334 22.76 0.73 14.90
C ARG A 334 21.72 0.17 13.90
N LEU A 335 20.71 0.98 13.54
N LEU A 335 20.73 0.98 13.49
CA LEU A 335 19.72 0.64 12.47
CA LEU A 335 19.71 0.57 12.50
C LEU A 335 20.36 0.96 11.12
C LEU A 335 20.21 0.93 11.09
N MET A 336 20.62 -0.08 10.32
CA MET A 336 21.25 0.09 9.00
C MET A 336 20.13 0.25 7.96
N LEU A 337 19.56 1.45 7.90
CA LEU A 337 18.51 1.84 6.93
C LEU A 337 18.84 3.20 6.32
N THR A 338 18.57 3.34 5.03
CA THR A 338 18.82 4.57 4.27
C THR A 338 18.09 5.75 4.93
N PRO A 339 16.77 5.68 5.17
CA PRO A 339 16.03 6.81 5.71
C PRO A 339 16.48 7.22 7.12
N VAL A 340 17.01 6.28 7.90
CA VAL A 340 17.63 6.63 9.21
C VAL A 340 18.88 7.48 8.94
N ALA A 341 19.79 7.03 8.05
CA ALA A 341 21.02 7.76 7.65
C ALA A 341 20.61 9.17 7.21
N ILE A 342 19.55 9.27 6.41
CA ILE A 342 19.10 10.57 5.82
C ILE A 342 18.61 11.45 6.96
N ASN A 343 17.82 10.87 7.85
CA ASN A 343 17.26 11.58 9.02
C ASN A 343 18.40 12.14 9.87
N GLU A 344 19.41 11.32 10.17
CA GLU A 344 20.55 11.75 11.02
C GLU A 344 21.28 12.93 10.36
N GLY A 345 21.54 12.81 9.06
CA GLY A 345 22.18 13.87 8.25
C GLY A 345 21.42 15.16 8.29
N ALA A 346 20.11 15.13 8.08
CA ALA A 346 19.22 16.31 8.02
C ALA A 346 19.22 16.99 9.40
N ALA A 347 19.23 16.19 10.47
CA ALA A 347 19.19 16.64 11.88
C ALA A 347 20.54 17.28 12.25
N LEU A 348 21.64 16.61 11.93
CA LEU A 348 23.02 17.09 12.17
C LEU A 348 23.17 18.51 11.61
N VAL A 349 22.79 18.67 10.36
CA VAL A 349 22.94 19.94 9.59
C VAL A 349 21.93 20.98 10.12
N ASP A 350 20.67 20.59 10.37
CA ASP A 350 19.64 21.51 10.92
C ASP A 350 20.10 21.97 12.31
N THR A 351 20.73 21.08 13.08
CA THR A 351 21.37 21.40 14.38
C THR A 351 22.44 22.45 14.12
N VAL A 352 23.56 22.03 13.53
CA VAL A 352 24.90 22.69 13.56
C VAL A 352 24.92 23.97 12.71
N PHE A 353 24.24 23.98 11.55
CA PHE A 353 24.28 25.11 10.60
C PHE A 353 22.98 25.89 10.68
N GLY A 354 21.87 25.22 11.00
CA GLY A 354 20.55 25.83 11.15
C GLY A 354 20.34 26.42 12.52
N ASN A 355 21.19 26.10 13.49
CA ASN A 355 21.04 26.55 14.89
C ASN A 355 19.68 26.09 15.41
N LYS A 356 19.25 24.90 15.00
CA LYS A 356 17.92 24.31 15.33
C LYS A 356 18.19 22.87 15.75
N PRO A 357 18.69 22.63 16.99
CA PRO A 357 19.12 21.29 17.36
C PRO A 357 17.91 20.35 17.28
N ARG A 358 18.16 19.16 16.73
CA ARG A 358 17.16 18.11 16.49
C ARG A 358 17.91 16.79 16.54
N LYS A 359 17.27 15.77 17.11
CA LYS A 359 17.86 14.43 17.35
C LYS A 359 16.98 13.43 16.58
N THR A 360 17.61 12.52 15.85
CA THR A 360 16.88 11.40 15.21
C THR A 360 16.24 10.58 16.33
N ASP A 361 14.97 10.23 16.14
CA ASP A 361 14.21 9.25 16.95
C ASP A 361 14.43 7.85 16.36
N HIS A 362 15.09 6.97 17.10
CA HIS A 362 15.47 5.61 16.63
C HIS A 362 14.36 4.61 17.03
N THR A 363 13.29 5.08 17.67
CA THR A 363 12.09 4.25 18.01
C THR A 363 11.01 4.51 16.96
N ARG A 364 10.13 3.52 16.77
CA ARG A 364 8.90 3.71 15.96
C ARG A 364 9.32 3.97 14.53
N VAL A 365 10.36 3.27 14.07
CA VAL A 365 10.85 3.43 12.67
C VAL A 365 10.15 2.39 11.80
N ALA A 366 9.42 2.86 10.79
CA ALA A 366 8.79 2.00 9.77
C ALA A 366 9.90 1.42 8.90
N SER A 367 9.85 0.11 8.64
CA SER A 367 10.83 -0.55 7.76
C SER A 367 10.12 -1.71 7.09
N ALA A 368 10.77 -2.31 6.10
CA ALA A 368 10.14 -3.38 5.31
C ALA A 368 11.17 -4.46 5.02
N VAL A 369 10.67 -5.64 4.71
CA VAL A 369 11.42 -6.71 4.02
C VAL A 369 10.69 -6.99 2.71
N PHE A 370 11.37 -6.82 1.58
CA PHE A 370 10.80 -7.14 0.25
C PHE A 370 11.03 -8.60 -0.05
N SER A 371 10.66 -9.40 0.95
CA SER A 371 10.33 -10.81 0.79
C SER A 371 9.09 -10.92 -0.11
N ILE A 372 8.85 -12.10 -0.64
CA ILE A 372 7.60 -12.42 -1.38
C ILE A 372 6.86 -13.45 -0.55
N PRO A 373 5.72 -13.05 0.08
CA PRO A 373 5.23 -11.66 0.07
C PRO A 373 5.93 -10.83 1.13
N PRO A 374 5.74 -9.48 1.15
CA PRO A 374 6.62 -8.62 1.95
C PRO A 374 6.15 -8.33 3.37
N ILE A 375 7.07 -7.87 4.21
CA ILE A 375 6.84 -7.40 5.60
C ILE A 375 6.86 -5.88 5.60
N GLY A 376 5.97 -5.30 6.39
CA GLY A 376 6.02 -3.89 6.80
C GLY A 376 5.84 -3.86 8.29
N THR A 377 6.71 -3.19 9.01
CA THR A 377 6.75 -3.19 10.50
C THR A 377 7.13 -1.82 11.00
N CYS A 378 6.61 -1.46 12.18
CA CYS A 378 6.93 -0.21 12.87
C CYS A 378 6.83 -0.47 14.37
N GLY A 379 7.85 -0.14 15.15
CA GLY A 379 7.78 -0.19 16.62
C GLY A 379 8.07 -1.60 17.13
N LEU A 380 7.60 -1.88 18.34
CA LEU A 380 8.08 -3.00 19.17
C LEU A 380 7.34 -4.27 18.79
N ILE A 381 8.09 -5.36 18.72
CA ILE A 381 7.51 -6.72 18.76
C ILE A 381 7.07 -6.98 20.20
N GLU A 382 6.10 -7.88 20.35
CA GLU A 382 5.42 -8.11 21.64
C GLU A 382 6.40 -8.61 22.70
N GLU A 383 7.39 -9.44 22.35
CA GLU A 383 8.30 -10.00 23.37
C GLU A 383 9.06 -8.84 24.02
N VAL A 384 9.39 -7.84 23.21
CA VAL A 384 10.12 -6.63 23.67
C VAL A 384 9.16 -5.75 24.47
N ALA A 385 7.97 -5.44 23.96
CA ALA A 385 6.94 -4.68 24.70
C ALA A 385 6.72 -5.27 26.10
N ALA A 386 6.63 -6.60 26.17
CA ALA A 386 6.18 -7.39 27.34
C ALA A 386 7.17 -7.23 28.49
N LYS A 387 8.46 -7.01 28.19
CA LYS A 387 9.51 -6.79 29.20
C LYS A 387 9.48 -5.34 29.70
N GLU A 388 8.93 -4.39 28.92
CA GLU A 388 8.94 -2.94 29.22
C GLU A 388 7.64 -2.52 29.91
N PHE A 389 6.54 -3.24 29.67
CA PHE A 389 5.18 -2.80 30.03
C PHE A 389 4.51 -3.91 30.83
N GLU A 390 3.79 -3.54 31.90
N GLU A 390 3.79 -3.52 31.89
CA GLU A 390 3.13 -4.51 32.81
CA GLU A 390 3.09 -4.44 32.84
C GLU A 390 2.05 -5.28 32.03
C GLU A 390 2.03 -5.24 32.08
N LYS A 391 1.21 -4.56 31.27
CA LYS A 391 0.12 -5.18 30.48
C LYS A 391 0.24 -4.76 29.00
N VAL A 392 0.47 -5.76 28.17
CA VAL A 392 0.60 -5.64 26.69
C VAL A 392 -0.57 -6.40 26.09
N ALA A 393 -1.32 -5.77 25.19
CA ALA A 393 -2.35 -6.44 24.38
C ALA A 393 -1.80 -6.67 22.98
N VAL A 394 -2.13 -7.82 22.44
CA VAL A 394 -1.88 -8.14 21.00
C VAL A 394 -3.21 -8.35 20.29
N TYR A 395 -3.43 -7.59 19.22
CA TYR A 395 -4.56 -7.68 18.28
C TYR A 395 -3.99 -8.34 17.03
N MET A 396 -4.62 -9.41 16.55
CA MET A 396 -4.11 -10.18 15.39
C MET A 396 -5.27 -10.50 14.46
N SER A 397 -5.04 -10.30 13.17
CA SER A 397 -5.91 -10.76 12.07
C SER A 397 -4.99 -11.46 11.09
N SER A 398 -5.35 -12.68 10.68
CA SER A 398 -4.54 -13.54 9.79
C SER A 398 -5.47 -14.41 8.96
N PHE A 399 -5.41 -14.27 7.65
CA PHE A 399 -6.33 -14.97 6.72
C PHE A 399 -5.70 -14.87 5.34
N THR A 400 -5.98 -15.82 4.45
CA THR A 400 -5.64 -15.67 3.03
C THR A 400 -6.67 -14.72 2.44
N PRO A 401 -6.29 -13.54 1.89
CA PRO A 401 -7.27 -12.65 1.26
C PRO A 401 -7.93 -13.38 0.09
N LEU A 402 -9.13 -12.94 -0.22
CA LEU A 402 -10.04 -13.56 -1.22
C LEU A 402 -9.31 -13.63 -2.56
N MET A 403 -8.64 -12.56 -2.99
CA MET A 403 -8.05 -12.59 -4.34
C MET A 403 -7.09 -13.79 -4.42
N HIS A 404 -6.49 -14.22 -3.30
CA HIS A 404 -5.45 -15.28 -3.30
C HIS A 404 -6.08 -16.66 -3.17
N ASN A 405 -7.35 -16.72 -2.77
CA ASN A 405 -8.16 -17.96 -2.92
C ASN A 405 -8.43 -18.13 -4.43
N ILE A 406 -8.68 -17.05 -5.19
CA ILE A 406 -8.88 -17.15 -6.67
C ILE A 406 -7.54 -17.34 -7.38
N SER A 407 -6.49 -16.64 -6.98
CA SER A 407 -5.14 -16.71 -7.61
C SER A 407 -4.59 -18.15 -7.55
N GLY A 408 -4.94 -18.92 -6.53
CA GLY A 408 -4.40 -20.27 -6.29
C GLY A 408 -3.23 -20.24 -5.32
N SER A 409 -2.82 -19.06 -4.85
CA SER A 409 -1.77 -18.90 -3.81
C SER A 409 -2.44 -18.88 -2.43
N LYS A 410 -3.06 -19.99 -2.02
CA LYS A 410 -3.89 -20.10 -0.77
C LYS A 410 -3.00 -19.87 0.46
N TYR A 411 -1.70 -20.15 0.32
CA TYR A 411 -0.66 -20.02 1.37
C TYR A 411 -0.33 -18.54 1.70
N LYS A 412 -0.71 -17.56 0.86
CA LYS A 412 -0.40 -16.13 1.12
C LYS A 412 -1.36 -15.59 2.18
N LYS A 413 -1.17 -16.03 3.41
CA LYS A 413 -1.91 -15.46 4.56
C LYS A 413 -1.43 -14.01 4.76
N PHE A 414 -2.35 -13.07 4.85
CA PHE A 414 -2.07 -11.68 5.28
C PHE A 414 -2.12 -11.66 6.82
N VAL A 415 -1.09 -11.11 7.45
CA VAL A 415 -1.00 -11.00 8.95
C VAL A 415 -0.99 -9.52 9.28
N ALA A 416 -1.87 -9.08 10.18
CA ALA A 416 -1.83 -7.74 10.78
C ALA A 416 -1.84 -7.91 12.30
N LYS A 417 -0.80 -7.42 12.97
CA LYS A 417 -0.70 -7.42 14.46
C LYS A 417 -0.49 -5.99 14.93
N ILE A 418 -1.27 -5.61 15.93
CA ILE A 418 -1.05 -4.34 16.70
C ILE A 418 -0.73 -4.79 18.11
N VAL A 419 0.36 -4.24 18.64
CA VAL A 419 0.87 -4.46 20.02
C VAL A 419 0.60 -3.16 20.76
N THR A 420 -0.10 -3.23 21.88
CA THR A 420 -0.38 -2.00 22.64
C THR A 420 0.09 -2.12 24.09
N ASN A 421 0.27 -0.97 24.69
CA ASN A 421 0.27 -0.84 26.17
C ASN A 421 -1.20 -0.87 26.56
N HIS A 422 -1.61 -1.97 27.19
CA HIS A 422 -3.02 -2.21 27.50
C HIS A 422 -3.50 -1.24 28.60
N SER A 423 -2.60 -0.61 29.36
CA SER A 423 -2.96 0.36 30.44
C SER A 423 -3.54 1.65 29.83
N ASP A 424 -3.20 2.02 28.60
CA ASP A 424 -3.75 3.27 28.02
C ASP A 424 -4.12 3.09 26.55
N GLY A 425 -3.85 1.91 25.98
CA GLY A 425 -4.18 1.60 24.57
C GLY A 425 -3.17 2.13 23.56
N THR A 426 -2.06 2.72 24.01
CA THR A 426 -1.02 3.29 23.11
C THR A 426 -0.47 2.16 22.24
N VAL A 427 -0.45 2.41 20.93
CA VAL A 427 0.14 1.45 19.97
C VAL A 427 1.65 1.51 20.10
N LEU A 428 2.25 0.37 20.43
CA LEU A 428 3.69 0.20 20.61
C LEU A 428 4.33 -0.36 19.34
N GLY A 429 3.58 -1.14 18.58
CA GLY A 429 4.06 -1.64 17.28
C GLY A 429 2.96 -2.23 16.43
N VAL A 430 3.24 -2.28 15.12
CA VAL A 430 2.31 -2.73 14.05
C VAL A 430 3.18 -3.56 13.11
N HIS A 431 2.78 -4.79 12.81
CA HIS A 431 3.55 -5.82 12.10
C HIS A 431 2.66 -6.40 11.01
N LEU A 432 3.07 -6.32 9.72
CA LEU A 432 2.22 -6.74 8.59
C LEU A 432 3.02 -7.68 7.71
N LEU A 433 2.36 -8.74 7.27
CA LEU A 433 2.90 -9.61 6.21
C LEU A 433 1.84 -9.70 5.13
N GLY A 434 2.20 -9.35 3.90
CA GLY A 434 1.34 -9.59 2.74
C GLY A 434 1.48 -8.46 1.75
N ASP A 435 0.97 -8.67 0.55
CA ASP A 435 1.13 -7.75 -0.60
C ASP A 435 0.76 -6.34 -0.10
N GLY A 436 1.61 -5.35 -0.33
CA GLY A 436 1.34 -3.96 0.00
C GLY A 436 1.72 -3.57 1.42
N ALA A 437 2.18 -4.51 2.26
CA ALA A 437 2.60 -4.24 3.67
C ALA A 437 3.56 -3.05 3.75
N PRO A 438 4.61 -2.94 2.91
CA PRO A 438 5.55 -1.83 3.03
C PRO A 438 4.85 -0.48 2.76
N GLU A 439 3.87 -0.48 1.88
CA GLU A 439 3.13 0.75 1.49
C GLU A 439 2.17 1.10 2.62
N ILE A 440 1.55 0.09 3.21
CA ILE A 440 0.58 0.28 4.32
C ILE A 440 1.29 0.92 5.51
N ILE A 441 2.51 0.48 5.82
CA ILE A 441 3.11 0.76 7.14
C ILE A 441 3.63 2.19 7.22
N GLN A 442 3.85 2.87 6.10
CA GLN A 442 4.49 4.21 6.17
C GLN A 442 3.64 5.16 7.04
N ALA A 443 2.38 5.35 6.70
CA ALA A 443 1.49 6.26 7.45
C ALA A 443 1.22 5.72 8.86
N VAL A 444 1.41 4.41 9.11
CA VAL A 444 1.46 3.86 10.49
C VAL A 444 2.62 4.46 11.28
N GLY A 445 3.77 4.69 10.64
CA GLY A 445 4.90 5.41 11.27
C GLY A 445 4.45 6.78 11.76
N VAL A 446 3.67 7.48 10.95
CA VAL A 446 3.18 8.83 11.38
C VAL A 446 2.27 8.62 12.60
N CYS A 447 1.43 7.60 12.56
CA CYS A 447 0.43 7.38 13.65
C CYS A 447 1.19 7.15 14.95
N LEU A 448 2.27 6.38 14.90
CA LEU A 448 3.03 6.06 16.12
C LEU A 448 3.71 7.34 16.67
N ARG A 449 4.25 8.19 15.79
N ARG A 449 4.24 8.19 15.79
CA ARG A 449 4.81 9.51 16.17
CA ARG A 449 4.81 9.51 16.17
C ARG A 449 3.74 10.29 16.95
C ARG A 449 3.75 10.32 16.91
N LEU A 450 2.48 10.21 16.52
CA LEU A 450 1.34 10.93 17.17
C LEU A 450 0.78 10.17 18.39
N ASN A 451 1.41 9.10 18.85
CA ASN A 451 0.95 8.33 20.06
C ASN A 451 -0.48 7.80 19.87
N ALA A 452 -0.77 7.32 18.66
CA ALA A 452 -2.05 6.70 18.32
C ALA A 452 -2.34 5.54 19.30
N LYS A 453 -3.58 5.46 19.77
CA LYS A 453 -4.11 4.35 20.60
C LYS A 453 -4.84 3.40 19.65
N ILE A 454 -5.04 2.14 20.07
CA ILE A 454 -5.84 1.15 19.31
C ILE A 454 -7.20 1.76 18.95
N SER A 455 -7.81 2.56 19.83
CA SER A 455 -9.14 3.19 19.58
C SER A 455 -9.07 4.22 18.45
N ASP A 456 -7.92 4.88 18.25
CA ASP A 456 -7.70 5.78 17.09
C ASP A 456 -7.75 4.99 15.79
N PHE A 457 -7.20 3.77 15.77
CA PHE A 457 -7.32 2.86 14.61
C PHE A 457 -8.78 2.40 14.45
N TYR A 458 -9.39 1.81 15.49
CA TYR A 458 -10.69 1.14 15.28
C TYR A 458 -11.78 2.19 15.06
N ASN A 459 -11.60 3.43 15.50
CA ASN A 459 -12.63 4.48 15.26
C ASN A 459 -12.42 5.16 13.91
N THR A 460 -11.36 4.81 13.19
CA THR A 460 -11.13 5.39 11.84
C THR A 460 -11.89 4.53 10.84
N ILE A 461 -12.58 5.16 9.90
CA ILE A 461 -13.42 4.44 8.90
C ILE A 461 -12.51 3.74 7.88
N GLY A 462 -12.81 2.48 7.60
CA GLY A 462 -12.00 1.65 6.70
C GLY A 462 -12.10 2.13 5.25
N VAL A 463 -11.05 1.92 4.48
CA VAL A 463 -11.09 1.96 2.99
C VAL A 463 -11.31 0.54 2.49
N HIS A 464 -12.38 0.33 1.74
CA HIS A 464 -12.88 -1.02 1.42
C HIS A 464 -12.97 -1.15 -0.09
N PRO A 465 -12.57 -2.29 -0.69
CA PRO A 465 -11.80 -3.34 -0.02
C PRO A 465 -10.27 -3.13 -0.13
N THR A 466 -9.58 -3.25 1.00
CA THR A 466 -8.10 -3.19 1.12
C THR A 466 -7.67 -4.24 2.14
N SER A 467 -6.39 -4.61 2.16
CA SER A 467 -5.79 -5.31 3.34
C SER A 467 -5.65 -4.34 4.51
N ALA A 468 -5.36 -3.06 4.21
CA ALA A 468 -5.07 -1.98 5.18
C ALA A 468 -6.23 -1.83 6.16
N GLU A 469 -7.48 -1.97 5.68
CA GLU A 469 -8.67 -1.73 6.53
C GLU A 469 -8.67 -2.72 7.70
N GLU A 470 -7.99 -3.85 7.60
CA GLU A 470 -7.89 -4.77 8.75
C GLU A 470 -7.39 -4.01 9.99
N LEU A 471 -6.50 -3.05 9.81
CA LEU A 471 -5.90 -2.27 10.94
C LEU A 471 -6.96 -1.44 11.67
N CYS A 472 -8.08 -1.14 11.02
CA CYS A 472 -9.16 -0.29 11.57
C CYS A 472 -10.34 -1.17 12.03
N SER A 473 -10.14 -2.49 12.09
CA SER A 473 -11.20 -3.51 12.30
C SER A 473 -10.95 -4.31 13.58
N MET A 474 -9.93 -3.96 14.36
CA MET A 474 -9.54 -4.77 15.53
C MET A 474 -9.85 -3.99 16.82
N ARG A 475 -10.78 -4.54 17.61
CA ARG A 475 -11.34 -3.89 18.83
C ARG A 475 -11.02 -4.70 20.08
N THR A 476 -10.73 -5.99 19.91
CA THR A 476 -10.65 -6.99 21.00
C THR A 476 -9.31 -7.69 20.92
N PRO A 477 -8.45 -7.60 21.97
CA PRO A 477 -7.21 -8.35 22.02
C PRO A 477 -7.40 -9.85 21.75
N SER A 478 -6.48 -10.47 21.00
CA SER A 478 -6.41 -11.94 20.79
C SER A 478 -5.78 -12.57 22.03
N TYR A 479 -4.86 -11.84 22.67
CA TYR A 479 -4.16 -12.29 23.91
C TYR A 479 -3.34 -11.12 24.44
N TYR A 480 -2.71 -11.34 25.59
CA TYR A 480 -2.07 -10.32 26.46
C TYR A 480 -0.70 -10.85 26.90
N TYR A 481 0.20 -9.95 27.30
CA TYR A 481 1.30 -10.29 28.22
C TYR A 481 1.00 -9.51 29.50
N VAL A 482 1.04 -10.21 30.64
CA VAL A 482 0.91 -9.60 32.00
C VAL A 482 2.18 -9.93 32.77
N LYS A 483 2.94 -8.88 33.12
CA LYS A 483 4.29 -8.95 33.73
C LYS A 483 5.13 -10.01 33.02
N GLY A 484 5.20 -9.94 31.68
CA GLY A 484 6.01 -10.84 30.85
C GLY A 484 5.31 -12.13 30.47
N GLU A 485 4.24 -12.51 31.17
CA GLU A 485 3.59 -13.83 30.98
C GLU A 485 2.48 -13.72 29.93
N LYS A 486 2.54 -14.59 28.91
CA LYS A 486 1.50 -14.66 27.85
C LYS A 486 0.28 -15.38 28.41
N MET A 487 -0.91 -14.83 28.16
CA MET A 487 -2.21 -15.44 28.55
C MET A 487 -3.31 -14.93 27.60
N GLU A 488 -4.32 -15.77 27.37
CA GLU A 488 -5.47 -15.47 26.50
C GLU A 488 -6.31 -14.37 27.14
N LYS A 489 -6.47 -14.37 28.46
CA LYS A 489 -7.37 -13.43 29.18
C LYS A 489 -6.60 -12.72 30.30
N LEU A 490 -6.99 -11.48 30.59
CA LEU A 490 -6.51 -10.73 31.78
C LEU A 490 -7.06 -11.42 33.02
N PRO A 491 -6.30 -11.47 34.14
CA PRO A 491 -6.90 -11.64 35.46
C PRO A 491 -7.87 -10.51 35.80
N LYS B 6 -45.28 -11.28 14.02
CA LYS B 6 -44.24 -11.56 15.06
C LYS B 6 -43.65 -10.21 15.52
N ALA B 7 -43.16 -10.15 16.77
CA ALA B 7 -42.74 -8.90 17.46
C ALA B 7 -41.21 -8.82 17.57
N PHE B 8 -40.62 -7.67 17.26
CA PHE B 8 -39.15 -7.44 17.27
C PHE B 8 -38.83 -6.11 17.96
N ASP B 9 -37.67 -6.06 18.63
CA ASP B 9 -37.09 -4.79 19.12
C ASP B 9 -36.69 -3.94 17.92
N LEU B 10 -36.17 -4.59 16.88
CA LEU B 10 -35.69 -3.86 15.68
C LEU B 10 -36.05 -4.64 14.44
N VAL B 11 -36.53 -3.91 13.45
CA VAL B 11 -36.69 -4.50 12.10
C VAL B 11 -35.84 -3.70 11.15
N VAL B 12 -34.98 -4.43 10.44
CA VAL B 12 -34.04 -3.82 9.47
C VAL B 12 -34.55 -4.15 8.08
N ILE B 13 -34.89 -3.13 7.29
CA ILE B 13 -35.23 -3.35 5.85
C ILE B 13 -33.97 -3.07 5.04
N GLY B 14 -33.43 -4.15 4.45
CA GLY B 14 -32.23 -4.17 3.63
C GLY B 14 -31.12 -4.92 4.38
N ALA B 15 -30.75 -6.11 3.93
CA ALA B 15 -29.68 -6.94 4.56
C ALA B 15 -28.33 -6.62 3.90
N GLY B 16 -27.95 -5.34 3.98
CA GLY B 16 -26.76 -4.78 3.31
C GLY B 16 -25.69 -4.38 4.30
N SER B 17 -24.73 -3.58 3.84
CA SER B 17 -23.53 -3.20 4.63
C SER B 17 -24.05 -2.62 5.96
N GLY B 18 -24.95 -1.64 5.89
CA GLY B 18 -25.37 -0.90 7.09
C GLY B 18 -26.35 -1.72 7.91
N GLY B 19 -27.33 -2.30 7.22
CA GLY B 19 -28.37 -3.15 7.82
C GLY B 19 -27.79 -4.30 8.62
N LEU B 20 -26.81 -5.03 8.06
CA LEU B 20 -26.26 -6.22 8.77
C LEU B 20 -25.42 -5.80 9.97
N GLU B 21 -24.63 -4.73 9.86
CA GLU B 21 -23.87 -4.20 11.01
C GLU B 21 -24.89 -3.87 12.12
N ALA B 22 -25.96 -3.14 11.80
CA ALA B 22 -26.93 -2.66 12.81
C ALA B 22 -27.62 -3.87 13.47
N GLY B 23 -28.10 -4.81 12.65
CA GLY B 23 -28.87 -5.98 13.11
C GLY B 23 -28.02 -6.90 13.98
N TRP B 24 -26.82 -7.19 13.51
CA TRP B 24 -25.88 -8.09 14.23
C TRP B 24 -25.48 -7.42 15.55
N ASN B 25 -25.15 -6.13 15.53
CA ASN B 25 -24.73 -5.42 16.78
C ASN B 25 -25.89 -5.39 17.79
N ALA B 26 -27.10 -5.04 17.34
CA ALA B 26 -28.27 -4.93 18.24
C ALA B 26 -28.55 -6.31 18.82
N ALA B 27 -28.51 -7.38 18.00
CA ALA B 27 -28.79 -8.77 18.44
C ALA B 27 -27.69 -9.27 19.39
N THR B 28 -26.41 -9.05 19.08
CA THR B 28 -25.29 -9.73 19.76
C THR B 28 -24.73 -8.83 20.86
N LEU B 29 -24.58 -7.52 20.62
CA LEU B 29 -23.97 -6.64 21.65
C LEU B 29 -25.04 -6.24 22.66
N TYR B 30 -26.29 -6.06 22.23
CA TYR B 30 -27.32 -5.47 23.12
C TYR B 30 -28.47 -6.45 23.38
N GLY B 31 -28.34 -7.70 22.93
CA GLY B 31 -29.31 -8.78 23.20
C GLY B 31 -30.73 -8.42 22.76
N LYS B 32 -30.91 -7.71 21.64
CA LYS B 32 -32.25 -7.36 21.10
C LYS B 32 -32.71 -8.46 20.15
N ARG B 33 -34.02 -8.64 20.02
CA ARG B 33 -34.67 -9.55 19.04
C ARG B 33 -34.79 -8.76 17.74
N VAL B 34 -34.18 -9.26 16.67
CA VAL B 34 -33.95 -8.48 15.44
C VAL B 34 -34.46 -9.28 14.25
N ALA B 35 -35.24 -8.60 13.39
CA ALA B 35 -35.64 -9.10 12.05
C ALA B 35 -34.88 -8.32 11.00
N VAL B 36 -34.46 -8.99 9.94
CA VAL B 36 -33.77 -8.33 8.81
C VAL B 36 -34.43 -8.84 7.53
N VAL B 37 -34.79 -7.94 6.62
CA VAL B 37 -35.54 -8.27 5.38
C VAL B 37 -34.68 -7.95 4.16
N ASP B 38 -34.67 -8.85 3.18
CA ASP B 38 -34.06 -8.61 1.85
C ASP B 38 -34.80 -9.46 0.82
N VAL B 39 -34.60 -9.13 -0.44
CA VAL B 39 -35.47 -9.53 -1.57
C VAL B 39 -34.89 -10.77 -2.23
N GLN B 40 -33.68 -11.16 -1.84
CA GLN B 40 -32.95 -12.28 -2.48
C GLN B 40 -31.91 -12.84 -1.49
N THR B 41 -31.63 -14.14 -1.52
CA THR B 41 -30.68 -14.79 -0.58
C THR B 41 -29.32 -14.92 -1.24
N SER B 42 -29.25 -14.77 -2.56
CA SER B 42 -27.94 -14.77 -3.24
C SER B 42 -27.99 -13.86 -4.46
N HIS B 43 -26.78 -13.58 -4.97
CA HIS B 43 -26.49 -12.50 -5.94
C HIS B 43 -27.20 -12.74 -7.27
N GLY B 44 -27.48 -11.63 -7.96
CA GLY B 44 -27.71 -11.63 -9.42
C GLY B 44 -29.17 -11.39 -9.78
N PRO B 45 -29.48 -11.55 -11.09
CA PRO B 45 -30.83 -11.33 -11.60
C PRO B 45 -31.83 -12.24 -10.90
N PRO B 46 -33.07 -11.75 -10.68
CA PRO B 46 -33.50 -10.44 -11.17
C PRO B 46 -33.23 -9.18 -10.30
N PHE B 47 -32.94 -9.29 -9.01
CA PHE B 47 -32.88 -8.09 -8.11
C PHE B 47 -31.43 -7.61 -7.86
N TYR B 48 -30.40 -8.40 -8.27
CA TYR B 48 -28.94 -8.09 -8.29
C TYR B 48 -28.37 -8.03 -6.86
N ALA B 49 -28.70 -7.00 -6.08
CA ALA B 49 -28.41 -6.95 -4.65
C ALA B 49 -29.23 -8.05 -3.95
N ALA B 50 -28.76 -8.47 -2.78
CA ALA B 50 -29.26 -9.66 -2.09
C ALA B 50 -28.70 -9.58 -0.69
N LEU B 51 -28.97 -10.61 0.09
CA LEU B 51 -28.30 -10.85 1.39
C LEU B 51 -26.84 -10.48 1.23
N GLY B 52 -26.37 -9.53 2.05
CA GLY B 52 -24.98 -9.03 2.02
C GLY B 52 -24.93 -7.59 1.57
N GLY B 53 -25.91 -7.18 0.75
CA GLY B 53 -26.02 -5.81 0.22
C GLY B 53 -25.38 -5.66 -1.14
N THR B 54 -25.26 -4.41 -1.56
CA THR B 54 -24.83 -4.03 -2.92
C THR B 54 -23.33 -4.31 -3.03
N CYS B 55 -22.61 -4.04 -1.98
CA CYS B 55 -21.12 -4.06 -1.99
C CYS B 55 -20.72 -5.53 -2.21
N VAL B 56 -21.32 -6.42 -1.44
CA VAL B 56 -21.06 -7.87 -1.54
C VAL B 56 -21.40 -8.37 -2.94
N ASN B 57 -22.58 -8.02 -3.45
CA ASN B 57 -23.25 -8.76 -4.54
C ASN B 57 -22.88 -8.11 -5.88
N VAL B 58 -23.00 -6.78 -5.98
CA VAL B 58 -22.85 -6.05 -7.27
C VAL B 58 -22.16 -4.71 -6.98
N GLY B 59 -21.07 -4.77 -6.20
CA GLY B 59 -20.30 -3.58 -5.83
C GLY B 59 -18.86 -3.89 -5.49
N CYS B 60 -18.39 -3.37 -4.36
CA CYS B 60 -16.96 -3.29 -3.99
C CYS B 60 -16.30 -4.67 -4.17
N VAL B 61 -16.92 -5.72 -3.66
CA VAL B 61 -16.26 -7.05 -3.58
C VAL B 61 -16.06 -7.61 -4.98
N PRO B 62 -17.10 -7.83 -5.80
CA PRO B 62 -16.90 -8.35 -7.16
C PRO B 62 -16.10 -7.39 -8.03
N LYS B 63 -16.34 -6.08 -7.93
CA LYS B 63 -15.60 -5.15 -8.81
C LYS B 63 -14.09 -5.21 -8.47
N LYS B 64 -13.70 -5.33 -7.21
CA LYS B 64 -12.27 -5.34 -6.81
C LYS B 64 -11.59 -6.58 -7.41
N LEU B 65 -12.24 -7.73 -7.33
CA LEU B 65 -11.74 -8.97 -7.96
C LEU B 65 -11.57 -8.78 -9.46
N MET B 66 -12.53 -8.15 -10.12
CA MET B 66 -12.47 -7.92 -11.57
C MET B 66 -11.39 -6.89 -11.90
N VAL B 67 -11.19 -5.85 -11.09
CA VAL B 67 -10.06 -4.91 -11.35
C VAL B 67 -8.74 -5.68 -11.17
N THR B 68 -8.66 -6.52 -10.14
CA THR B 68 -7.44 -7.34 -9.94
C THR B 68 -7.20 -8.10 -11.24
N GLY B 69 -8.22 -8.78 -11.75
CA GLY B 69 -8.16 -9.49 -13.02
C GLY B 69 -7.64 -8.58 -14.13
N ALA B 70 -8.23 -7.40 -14.27
CA ALA B 70 -7.84 -6.41 -15.30
C ALA B 70 -6.34 -6.04 -15.16
N GLN B 71 -5.85 -5.88 -13.94
CA GLN B 71 -4.46 -5.47 -13.69
C GLN B 71 -3.48 -6.43 -14.39
N TYR B 72 -3.81 -7.71 -14.58
CA TYR B 72 -2.83 -8.66 -15.16
C TYR B 72 -2.48 -8.26 -16.59
N MET B 73 -3.36 -7.54 -17.28
CA MET B 73 -3.01 -7.12 -18.66
C MET B 73 -1.74 -6.26 -18.57
N ASP B 74 -1.68 -5.39 -17.54
CA ASP B 74 -0.52 -4.49 -17.33
C ASP B 74 0.66 -5.34 -16.83
N HIS B 75 0.45 -6.23 -15.86
CA HIS B 75 1.56 -7.04 -15.29
C HIS B 75 2.22 -7.83 -16.44
N LEU B 76 1.41 -8.50 -17.27
CA LEU B 76 1.94 -9.38 -18.36
C LEU B 76 2.82 -8.53 -19.27
N ARG B 77 2.37 -7.36 -19.69
CA ARG B 77 3.15 -6.48 -20.60
C ARG B 77 4.41 -5.96 -19.89
N GLU B 78 4.24 -5.50 -18.66
CA GLU B 78 5.28 -4.84 -17.85
C GLU B 78 6.38 -5.85 -17.48
N SER B 79 6.05 -7.14 -17.39
CA SER B 79 7.01 -8.21 -17.00
C SER B 79 8.20 -8.25 -17.97
N ALA B 80 7.98 -7.91 -19.23
CA ALA B 80 9.03 -7.94 -20.28
C ALA B 80 10.23 -7.07 -19.90
N GLY B 81 10.00 -5.87 -19.35
CA GLY B 81 11.08 -4.93 -18.95
C GLY B 81 12.02 -5.55 -17.93
N PHE B 82 11.49 -6.46 -17.09
CA PHE B 82 12.20 -7.23 -16.04
C PHE B 82 12.65 -8.59 -16.57
N GLY B 83 12.62 -8.78 -17.91
CA GLY B 83 13.21 -9.92 -18.63
C GLY B 83 12.29 -11.12 -18.76
N TRP B 84 11.02 -10.99 -18.43
CA TRP B 84 10.08 -12.12 -18.62
C TRP B 84 9.76 -12.21 -20.10
N GLU B 85 9.76 -13.45 -20.58
CA GLU B 85 9.53 -13.80 -21.99
C GLU B 85 8.47 -14.90 -22.01
N PHE B 86 7.52 -14.76 -22.93
CA PHE B 86 6.51 -15.81 -23.22
C PHE B 86 5.88 -15.44 -24.56
N ASP B 87 5.11 -16.36 -25.10
CA ASP B 87 4.53 -16.19 -26.45
C ASP B 87 3.35 -15.21 -26.30
N GLY B 88 3.56 -13.93 -26.65
CA GLY B 88 2.51 -12.88 -26.55
C GLY B 88 1.25 -13.24 -27.33
N SER B 89 1.39 -13.93 -28.46
CA SER B 89 0.27 -14.25 -29.37
C SER B 89 -0.63 -15.32 -28.71
N SER B 90 -0.13 -16.04 -27.70
CA SER B 90 -0.92 -17.06 -26.97
C SER B 90 -1.78 -16.42 -25.85
N VAL B 91 -1.68 -15.10 -25.64
CA VAL B 91 -2.34 -14.46 -24.46
C VAL B 91 -3.83 -14.26 -24.77
N LYS B 92 -4.71 -14.80 -23.94
CA LYS B 92 -6.18 -14.57 -24.01
C LYS B 92 -6.64 -14.16 -22.63
N ALA B 93 -7.51 -13.16 -22.57
CA ALA B 93 -8.26 -12.73 -21.36
C ALA B 93 -9.61 -13.46 -21.34
N ASN B 94 -9.72 -14.54 -20.56
CA ASN B 94 -10.97 -15.35 -20.52
C ASN B 94 -11.88 -14.77 -19.44
N TRP B 95 -12.77 -13.89 -19.86
CA TRP B 95 -13.86 -13.25 -19.07
C TRP B 95 -14.79 -14.29 -18.43
N LYS B 96 -15.08 -15.38 -19.12
CA LYS B 96 -15.99 -16.41 -18.58
C LYS B 96 -15.41 -16.92 -17.25
N LYS B 97 -14.11 -17.25 -17.23
CA LYS B 97 -13.41 -17.72 -16.00
C LYS B 97 -13.49 -16.64 -14.93
N LEU B 98 -13.23 -15.37 -15.27
CA LEU B 98 -13.30 -14.27 -14.31
C LEU B 98 -14.70 -14.24 -13.71
N ILE B 99 -15.75 -14.23 -14.54
CA ILE B 99 -17.16 -14.12 -14.05
C ILE B 99 -17.47 -15.35 -13.16
N ALA B 100 -17.05 -16.52 -13.57
CA ALA B 100 -17.30 -17.77 -12.79
C ALA B 100 -16.59 -17.67 -11.43
N ALA B 101 -15.35 -17.16 -11.41
CA ALA B 101 -14.56 -17.04 -10.16
C ALA B 101 -15.26 -16.03 -9.26
N LYS B 102 -15.67 -14.88 -9.82
CA LYS B 102 -16.38 -13.84 -9.06
C LYS B 102 -17.72 -14.36 -8.51
N ASN B 103 -18.50 -15.05 -9.33
CA ASN B 103 -19.81 -15.64 -8.93
C ASN B 103 -19.60 -16.55 -7.73
N GLU B 104 -18.59 -17.42 -7.78
CA GLU B 104 -18.34 -18.38 -6.68
C GLU B 104 -18.00 -17.62 -5.41
N ALA B 105 -17.18 -16.57 -5.54
CA ALA B 105 -16.74 -15.76 -4.40
C ALA B 105 -17.96 -15.12 -3.76
N VAL B 106 -18.77 -14.43 -4.55
CA VAL B 106 -19.99 -13.74 -4.05
C VAL B 106 -20.95 -14.78 -3.46
N LEU B 107 -21.17 -15.91 -4.13
CA LEU B 107 -22.09 -16.95 -3.59
C LEU B 107 -21.58 -17.45 -2.23
N ASP B 108 -20.29 -17.69 -2.09
CA ASP B 108 -19.72 -18.13 -0.78
C ASP B 108 -20.09 -17.12 0.31
N ILE B 109 -19.99 -15.82 0.04
CA ILE B 109 -20.36 -14.79 1.03
C ILE B 109 -21.86 -14.90 1.33
N ASN B 110 -22.68 -14.97 0.28
CA ASN B 110 -24.15 -15.15 0.42
C ASN B 110 -24.39 -16.31 1.40
N LYS B 111 -23.76 -17.45 1.14
CA LYS B 111 -23.92 -18.66 1.97
C LYS B 111 -23.50 -18.38 3.41
N SER B 112 -22.36 -17.74 3.65
CA SER B 112 -21.89 -17.50 5.04
C SER B 112 -22.93 -16.63 5.78
N TYR B 113 -23.43 -15.54 5.17
CA TYR B 113 -24.51 -14.69 5.73
C TYR B 113 -25.77 -15.52 6.03
N GLU B 114 -26.14 -16.43 5.14
CA GLU B 114 -27.22 -17.43 5.41
C GLU B 114 -26.91 -18.23 6.70
N GLY B 115 -25.68 -18.74 6.84
CA GLY B 115 -25.23 -19.49 8.02
C GLY B 115 -25.22 -18.61 9.26
N MET B 116 -24.88 -17.32 9.10
CA MET B 116 -24.84 -16.33 10.21
C MET B 116 -26.24 -16.19 10.83
N PHE B 117 -27.28 -15.97 10.02
CA PHE B 117 -28.70 -15.90 10.46
C PHE B 117 -29.15 -17.23 11.09
N ASN B 118 -28.75 -18.35 10.49
CA ASN B 118 -29.07 -19.71 11.02
C ASN B 118 -28.52 -19.85 12.45
N ASP B 119 -27.27 -19.41 12.68
CA ASP B 119 -26.48 -19.72 13.90
C ASP B 119 -26.56 -18.59 14.94
N THR B 120 -27.13 -17.43 14.61
CA THR B 120 -27.24 -16.26 15.53
C THR B 120 -28.68 -16.19 16.07
N GLU B 121 -28.86 -16.59 17.33
CA GLU B 121 -30.18 -16.60 17.99
C GLU B 121 -30.62 -15.15 18.14
N GLY B 122 -31.90 -14.85 17.92
CA GLY B 122 -32.43 -13.48 18.08
C GLY B 122 -32.09 -12.59 16.91
N LEU B 123 -31.58 -13.19 15.82
CA LEU B 123 -31.37 -12.51 14.53
C LEU B 123 -32.02 -13.36 13.43
N ASP B 124 -33.11 -12.86 12.86
CA ASP B 124 -33.96 -13.63 11.92
C ASP B 124 -34.00 -12.92 10.59
N PHE B 125 -33.84 -13.68 9.52
CA PHE B 125 -33.92 -13.22 8.13
C PHE B 125 -35.30 -13.54 7.58
N PHE B 126 -35.93 -12.58 6.91
CA PHE B 126 -37.20 -12.78 6.16
C PHE B 126 -36.94 -12.41 4.71
N LEU B 127 -37.29 -13.31 3.80
CA LEU B 127 -37.18 -13.09 2.35
C LEU B 127 -38.42 -12.34 1.85
N GLY B 128 -38.21 -11.27 1.09
CA GLY B 128 -39.27 -10.55 0.39
C GLY B 128 -39.07 -9.06 0.47
N TRP B 129 -40.10 -8.30 0.10
CA TRP B 129 -40.09 -6.83 -0.02
C TRP B 129 -40.71 -6.20 1.23
N GLY B 130 -39.87 -5.53 2.04
CA GLY B 130 -40.26 -4.78 3.24
C GLY B 130 -40.85 -3.43 2.84
N SER B 131 -41.93 -3.03 3.51
CA SER B 131 -42.50 -1.66 3.43
C SER B 131 -43.13 -1.34 4.79
N LEU B 132 -43.44 -0.07 5.00
CA LEU B 132 -44.05 0.41 6.25
C LEU B 132 -45.56 0.32 6.10
N GLU B 133 -46.19 -0.55 6.90
CA GLU B 133 -47.66 -0.57 7.04
C GLU B 133 -48.03 0.59 7.97
N SER B 134 -47.41 0.61 9.15
CA SER B 134 -47.62 1.61 10.21
C SER B 134 -46.28 1.87 10.91
N LYS B 135 -46.23 2.80 11.86
CA LYS B 135 -44.96 3.30 12.44
C LYS B 135 -44.32 2.19 13.28
N ASN B 136 -45.06 1.12 13.58
CA ASN B 136 -44.53 -0.04 14.36
C ASN B 136 -44.83 -1.34 13.62
N VAL B 137 -45.13 -1.30 12.33
CA VAL B 137 -45.37 -2.55 11.58
C VAL B 137 -44.68 -2.48 10.22
N VAL B 138 -43.76 -3.41 9.98
CA VAL B 138 -43.18 -3.64 8.64
C VAL B 138 -43.93 -4.83 8.04
N VAL B 139 -44.43 -4.65 6.82
CA VAL B 139 -45.03 -5.76 6.04
C VAL B 139 -43.98 -6.23 5.05
N VAL B 140 -43.84 -7.56 4.94
CA VAL B 140 -43.00 -8.21 3.92
C VAL B 140 -43.94 -8.83 2.90
N ARG B 141 -43.76 -8.49 1.64
CA ARG B 141 -44.63 -8.93 0.53
C ARG B 141 -43.83 -9.70 -0.50
N GLU B 142 -44.54 -10.44 -1.32
CA GLU B 142 -44.00 -11.29 -2.40
C GLU B 142 -43.17 -10.45 -3.37
N THR B 143 -43.65 -9.26 -3.74
CA THR B 143 -42.97 -8.42 -4.76
C THR B 143 -42.97 -6.99 -4.27
N ALA B 144 -42.36 -6.13 -5.08
CA ALA B 144 -42.24 -4.67 -4.89
C ALA B 144 -43.61 -4.00 -5.05
N ASP B 145 -44.52 -4.63 -5.80
CA ASP B 145 -45.95 -4.22 -5.91
C ASP B 145 -46.59 -4.30 -4.52
N PRO B 146 -47.11 -3.18 -3.97
CA PRO B 146 -47.69 -3.21 -2.62
C PRO B 146 -49.03 -3.98 -2.55
N LYS B 147 -49.57 -4.44 -3.67
CA LYS B 147 -50.79 -5.28 -3.75
C LYS B 147 -50.40 -6.77 -3.78
N SER B 148 -49.11 -7.08 -3.91
CA SER B 148 -48.61 -8.49 -3.89
C SER B 148 -48.91 -9.09 -2.51
N ALA B 149 -48.82 -10.41 -2.41
CA ALA B 149 -49.19 -11.23 -1.23
C ALA B 149 -48.34 -10.86 0.00
N VAL B 150 -48.97 -10.82 1.17
CA VAL B 150 -48.29 -10.61 2.47
C VAL B 150 -47.66 -11.93 2.90
N LYS B 151 -46.33 -11.95 3.12
CA LYS B 151 -45.60 -13.13 3.63
C LYS B 151 -45.45 -12.95 5.14
N GLU B 152 -45.19 -11.73 5.60
CA GLU B 152 -45.06 -11.51 7.06
C GLU B 152 -45.57 -10.12 7.41
N ARG B 153 -45.97 -9.94 8.66
CA ARG B 153 -46.20 -8.63 9.29
C ARG B 153 -45.41 -8.60 10.60
N LEU B 154 -44.46 -7.67 10.68
CA LEU B 154 -43.43 -7.61 11.75
C LEU B 154 -43.72 -6.40 12.61
N GLN B 155 -44.12 -6.64 13.86
CA GLN B 155 -44.29 -5.62 14.91
C GLN B 155 -42.87 -5.27 15.40
N ALA B 156 -42.57 -3.98 15.40
CA ALA B 156 -41.23 -3.38 15.59
C ALA B 156 -41.32 -2.23 16.60
N ASP B 157 -40.63 -2.33 17.74
CA ASP B 157 -40.38 -1.13 18.58
C ASP B 157 -39.63 -0.12 17.70
N HIS B 158 -38.62 -0.58 16.96
CA HIS B 158 -37.69 0.31 16.19
C HIS B 158 -37.58 -0.20 14.76
N ILE B 159 -37.59 0.69 13.78
CA ILE B 159 -37.49 0.34 12.33
C ILE B 159 -36.28 1.05 11.73
N LEU B 160 -35.38 0.29 11.07
CA LEU B 160 -34.20 0.83 10.37
C LEU B 160 -34.40 0.65 8.87
N LEU B 161 -34.38 1.74 8.13
CA LEU B 161 -34.46 1.74 6.65
C LEU B 161 -33.02 1.66 6.14
N ALA B 162 -32.69 0.62 5.38
CA ALA B 162 -31.29 0.37 4.98
C ALA B 162 -31.30 -0.31 3.62
N THR B 163 -32.08 0.26 2.70
CA THR B 163 -32.40 -0.35 1.39
C THR B 163 -31.41 0.06 0.31
N GLY B 164 -30.45 0.94 0.65
CA GLY B 164 -29.35 1.33 -0.22
C GLY B 164 -29.83 2.19 -1.36
N SER B 165 -29.12 2.11 -2.48
CA SER B 165 -29.36 2.96 -3.66
C SER B 165 -29.49 2.06 -4.88
N TRP B 166 -29.69 2.65 -6.05
CA TRP B 166 -30.03 1.95 -7.31
C TRP B 166 -29.51 2.78 -8.47
N PRO B 167 -29.05 2.17 -9.58
CA PRO B 167 -28.49 2.95 -10.68
C PRO B 167 -29.55 3.93 -11.18
N GLN B 168 -29.13 5.14 -11.55
CA GLN B 168 -29.98 6.14 -12.25
C GLN B 168 -29.89 5.87 -13.76
N MET B 169 -31.02 5.78 -14.47
CA MET B 169 -30.97 5.63 -15.95
C MET B 169 -31.60 6.88 -16.56
N PRO B 170 -30.93 7.60 -17.50
CA PRO B 170 -31.53 8.77 -18.10
C PRO B 170 -32.70 8.34 -18.99
N ALA B 171 -33.82 9.05 -18.90
CA ALA B 171 -35.01 8.89 -19.78
C ALA B 171 -34.65 9.44 -21.17
N ILE B 172 -33.95 8.64 -21.97
CA ILE B 172 -33.63 8.94 -23.39
C ILE B 172 -34.19 7.82 -24.27
N PRO B 173 -34.45 8.12 -25.56
CA PRO B 173 -34.86 7.10 -26.51
C PRO B 173 -33.81 5.98 -26.53
N GLY B 174 -34.26 4.74 -26.33
CA GLY B 174 -33.41 3.54 -26.45
C GLY B 174 -32.76 3.18 -25.13
N ILE B 175 -33.08 3.87 -24.04
CA ILE B 175 -32.59 3.51 -22.69
C ILE B 175 -32.69 1.97 -22.49
N GLU B 176 -33.72 1.34 -23.05
CA GLU B 176 -33.99 -0.11 -22.88
C GLU B 176 -32.82 -0.96 -23.43
N HIS B 177 -32.00 -0.41 -24.34
CA HIS B 177 -30.85 -1.11 -25.01
C HIS B 177 -29.55 -0.97 -24.21
N CYS B 178 -29.61 -0.22 -23.09
CA CYS B 178 -28.47 0.11 -22.20
C CYS B 178 -28.59 -0.74 -20.93
N ILE B 179 -27.46 -0.90 -20.24
CA ILE B 179 -27.36 -1.63 -18.95
C ILE B 179 -26.79 -0.67 -17.91
N SER B 180 -26.77 -1.09 -16.66
CA SER B 180 -26.09 -0.40 -15.53
C SER B 180 -24.95 -1.32 -15.07
N SER B 181 -24.30 -0.97 -13.98
CA SER B 181 -23.24 -1.83 -13.38
C SER B 181 -23.84 -3.20 -13.03
N ASN B 182 -25.12 -3.23 -12.63
CA ASN B 182 -25.83 -4.45 -12.18
C ASN B 182 -25.62 -5.55 -13.25
N GLU B 183 -25.97 -5.23 -14.51
CA GLU B 183 -25.92 -6.17 -15.66
C GLU B 183 -24.46 -6.41 -16.07
N ALA B 184 -23.58 -5.41 -15.94
CA ALA B 184 -22.17 -5.49 -16.36
C ALA B 184 -21.52 -6.70 -15.64
N PHE B 185 -21.92 -6.96 -14.40
CA PHE B 185 -21.40 -8.09 -13.58
C PHE B 185 -21.81 -9.44 -14.14
N TYR B 186 -22.78 -9.48 -15.06
CA TYR B 186 -23.35 -10.75 -15.55
C TYR B 186 -23.25 -10.87 -17.05
N LEU B 187 -22.55 -9.96 -17.72
CA LEU B 187 -22.30 -10.12 -19.17
C LEU B 187 -21.65 -11.49 -19.36
N PRO B 188 -22.20 -12.34 -20.26
CA PRO B 188 -21.69 -13.71 -20.40
C PRO B 188 -20.40 -13.71 -21.23
N GLU B 189 -20.24 -12.68 -22.06
CA GLU B 189 -19.09 -12.45 -22.96
C GLU B 189 -18.57 -11.02 -22.77
N PRO B 190 -17.25 -10.81 -22.89
CA PRO B 190 -16.67 -9.48 -22.74
C PRO B 190 -16.95 -8.65 -24.00
N PRO B 191 -17.58 -7.47 -23.90
CA PRO B 191 -17.84 -6.65 -25.08
C PRO B 191 -16.58 -6.25 -25.83
N ARG B 192 -16.63 -6.36 -27.17
CA ARG B 192 -15.54 -5.93 -28.07
C ARG B 192 -15.48 -4.40 -28.02
N ARG B 193 -16.64 -3.76 -28.10
CA ARG B 193 -16.76 -2.29 -28.02
C ARG B 193 -17.73 -1.98 -26.89
N VAL B 194 -17.34 -1.08 -25.99
CA VAL B 194 -18.24 -0.68 -24.87
C VAL B 194 -18.09 0.82 -24.66
N LEU B 195 -19.21 1.49 -24.45
CA LEU B 195 -19.26 2.88 -23.93
C LEU B 195 -19.66 2.80 -22.45
N THR B 196 -18.82 3.32 -21.57
CA THR B 196 -19.20 3.60 -20.18
C THR B 196 -19.61 5.08 -20.17
N VAL B 197 -20.81 5.34 -19.70
CA VAL B 197 -21.39 6.70 -19.62
C VAL B 197 -21.31 7.11 -18.16
N GLY B 198 -20.53 8.15 -17.88
CA GLY B 198 -20.29 8.68 -16.53
C GLY B 198 -18.82 8.91 -16.32
N GLY B 199 -18.51 9.94 -15.53
CA GLY B 199 -17.14 10.30 -15.12
C GLY B 199 -16.85 9.92 -13.67
N GLY B 200 -17.72 9.14 -13.03
CA GLY B 200 -17.58 8.74 -11.63
C GLY B 200 -16.73 7.48 -11.50
N PHE B 201 -16.52 7.03 -10.28
CA PHE B 201 -15.64 5.86 -10.03
C PHE B 201 -16.16 4.62 -10.75
N ILE B 202 -17.48 4.43 -10.85
CA ILE B 202 -18.03 3.14 -11.39
C ILE B 202 -17.73 3.10 -12.88
N SER B 203 -17.98 4.19 -13.59
CA SER B 203 -17.64 4.30 -15.02
C SER B 203 -16.13 4.07 -15.23
N VAL B 204 -15.29 4.74 -14.46
CA VAL B 204 -13.84 4.68 -14.67
C VAL B 204 -13.36 3.26 -14.32
N GLU B 205 -13.90 2.64 -13.26
CA GLU B 205 -13.40 1.31 -12.82
C GLU B 205 -13.81 0.28 -13.87
N PHE B 206 -15.06 0.33 -14.34
CA PHE B 206 -15.56 -0.57 -15.40
C PHE B 206 -14.85 -0.29 -16.73
N ALA B 207 -14.51 0.94 -17.09
CA ALA B 207 -13.71 1.18 -18.31
C ALA B 207 -12.42 0.36 -18.21
N GLY B 208 -11.77 0.35 -17.04
CA GLY B 208 -10.51 -0.38 -16.88
C GLY B 208 -10.73 -1.89 -16.99
N ILE B 209 -11.82 -2.39 -16.39
CA ILE B 209 -12.13 -3.86 -16.39
C ILE B 209 -12.31 -4.31 -17.85
N PHE B 210 -13.21 -3.64 -18.57
CA PHE B 210 -13.55 -3.95 -19.98
C PHE B 210 -12.34 -3.75 -20.89
N ASN B 211 -11.49 -2.77 -20.61
CA ASN B 211 -10.29 -2.51 -21.43
C ASN B 211 -9.37 -3.72 -21.36
N ALA B 212 -9.25 -4.35 -20.20
CA ALA B 212 -8.35 -5.51 -20.01
C ALA B 212 -8.90 -6.75 -20.71
N TYR B 213 -10.21 -7.02 -20.61
CA TYR B 213 -10.82 -8.30 -21.06
C TYR B 213 -11.35 -8.20 -22.49
N LYS B 214 -11.27 -7.04 -23.12
CA LYS B 214 -11.88 -6.87 -24.45
C LYS B 214 -11.21 -7.84 -25.42
N PRO B 215 -11.97 -8.45 -26.34
CA PRO B 215 -11.40 -9.34 -27.34
C PRO B 215 -10.52 -8.58 -28.32
N PRO B 216 -9.73 -9.28 -29.17
CA PRO B 216 -8.87 -8.64 -30.16
C PRO B 216 -9.60 -7.59 -31.00
N GLY B 217 -8.94 -6.46 -31.24
CA GLY B 217 -9.47 -5.32 -31.98
C GLY B 217 -10.61 -4.64 -31.26
N GLY B 218 -10.71 -4.81 -29.94
CA GLY B 218 -11.78 -4.18 -29.16
C GLY B 218 -11.43 -2.75 -28.78
N LYS B 219 -12.37 -2.03 -28.20
CA LYS B 219 -12.17 -0.60 -27.88
C LYS B 219 -13.16 -0.21 -26.77
N VAL B 220 -12.63 0.40 -25.72
CA VAL B 220 -13.46 0.96 -24.60
C VAL B 220 -13.46 2.48 -24.74
N THR B 221 -14.67 3.04 -24.76
CA THR B 221 -14.91 4.49 -24.79
C THR B 221 -15.65 4.83 -23.50
N LEU B 222 -15.17 5.87 -22.83
CA LEU B 222 -15.82 6.49 -21.66
C LEU B 222 -16.25 7.90 -22.06
N CYS B 223 -17.50 8.25 -21.81
CA CYS B 223 -18.03 9.59 -22.13
C CYS B 223 -18.53 10.24 -20.85
N TYR B 224 -18.38 11.56 -20.77
CA TYR B 224 -18.81 12.35 -19.59
C TYR B 224 -19.18 13.77 -20.04
N ARG B 225 -20.24 14.35 -19.47
CA ARG B 225 -20.78 15.68 -19.88
C ARG B 225 -19.77 16.77 -19.55
N ASN B 226 -19.13 16.67 -18.39
CA ASN B 226 -18.26 17.76 -17.90
C ASN B 226 -16.91 17.62 -18.60
N ASN B 227 -16.01 18.56 -18.33
CA ASN B 227 -14.72 18.74 -19.05
C ASN B 227 -13.68 17.75 -18.54
N LEU B 228 -13.83 17.21 -17.34
CA LEU B 228 -12.77 16.42 -16.66
C LEU B 228 -13.43 15.39 -15.76
N ILE B 229 -13.10 14.11 -15.95
CA ILE B 229 -13.70 12.98 -15.18
C ILE B 229 -13.39 13.18 -13.69
N LEU B 230 -14.10 12.44 -12.85
CA LEU B 230 -13.89 12.29 -11.40
C LEU B 230 -13.97 13.62 -10.65
N ARG B 231 -15.03 14.39 -10.89
N ARG B 231 -15.06 14.38 -10.88
CA ARG B 231 -15.35 15.56 -10.03
CA ARG B 231 -15.49 15.51 -10.02
C ARG B 231 -15.38 15.11 -8.58
C ARG B 231 -15.40 15.08 -8.56
N GLY B 232 -14.89 15.95 -7.68
CA GLY B 232 -14.82 15.67 -6.23
C GLY B 232 -13.43 15.22 -5.83
N PHE B 233 -12.69 14.63 -6.77
CA PHE B 233 -11.28 14.22 -6.55
C PHE B 233 -10.34 15.39 -6.83
N ASP B 234 -9.11 15.27 -6.35
CA ASP B 234 -7.98 16.21 -6.58
C ASP B 234 -7.82 16.47 -8.08
N GLU B 235 -7.70 17.74 -8.46
CA GLU B 235 -7.71 18.10 -9.90
C GLU B 235 -6.47 17.53 -10.59
N THR B 236 -5.29 17.56 -9.95
CA THR B 236 -4.06 17.01 -10.58
C THR B 236 -4.32 15.54 -10.89
N ILE B 237 -4.91 14.83 -9.94
CA ILE B 237 -5.19 13.38 -10.08
C ILE B 237 -6.24 13.17 -11.18
N ARG B 238 -7.21 14.06 -11.29
CA ARG B 238 -8.24 13.92 -12.37
C ARG B 238 -7.56 13.99 -13.74
N GLU B 239 -6.64 14.95 -13.92
CA GLU B 239 -5.92 15.16 -15.20
C GLU B 239 -5.01 13.96 -15.45
N GLU B 240 -4.33 13.49 -14.40
CA GLU B 240 -3.31 12.41 -14.56
C GLU B 240 -4.02 11.10 -14.87
N VAL B 241 -5.10 10.80 -14.15
CA VAL B 241 -5.81 9.50 -14.38
C VAL B 241 -6.40 9.53 -15.80
N THR B 242 -6.99 10.65 -16.26
CA THR B 242 -7.39 10.82 -17.70
C THR B 242 -6.24 10.47 -18.66
N LYS B 243 -5.07 11.07 -18.48
CA LYS B 243 -3.86 10.78 -19.31
C LYS B 243 -3.53 9.28 -19.25
N GLN B 244 -3.60 8.67 -18.08
CA GLN B 244 -3.06 7.30 -17.89
C GLN B 244 -4.06 6.27 -18.39
N LEU B 245 -5.35 6.59 -18.34
CA LEU B 245 -6.39 5.77 -19.00
C LEU B 245 -6.17 5.83 -20.51
N THR B 246 -6.03 7.03 -21.06
CA THR B 246 -5.79 7.22 -22.50
C THR B 246 -4.56 6.42 -22.93
N ALA B 247 -3.47 6.50 -22.16
CA ALA B 247 -2.22 5.80 -22.48
C ALA B 247 -2.44 4.28 -22.56
N ASN B 248 -3.42 3.74 -21.83
CA ASN B 248 -3.67 2.28 -21.84
C ASN B 248 -4.79 1.91 -22.82
N GLY B 249 -5.21 2.85 -23.69
CA GLY B 249 -6.03 2.55 -24.88
C GLY B 249 -7.49 2.90 -24.71
N ILE B 250 -7.87 3.59 -23.63
CA ILE B 250 -9.28 4.00 -23.39
C ILE B 250 -9.49 5.38 -24.03
N GLU B 251 -10.56 5.51 -24.81
CA GLU B 251 -10.99 6.77 -25.48
C GLU B 251 -11.84 7.54 -24.47
N ILE B 252 -11.33 8.65 -23.95
CA ILE B 252 -12.06 9.51 -22.99
C ILE B 252 -12.73 10.62 -23.81
N MET B 253 -14.05 10.56 -23.94
CA MET B 253 -14.92 11.56 -24.63
C MET B 253 -15.56 12.48 -23.59
N THR B 254 -14.90 13.57 -23.22
CA THR B 254 -15.46 14.54 -22.23
C THR B 254 -16.29 15.57 -23.00
N ASN B 255 -17.17 16.29 -22.31
CA ASN B 255 -18.19 17.20 -22.91
C ASN B 255 -19.04 16.43 -23.91
N GLU B 256 -19.44 15.20 -23.58
CA GLU B 256 -20.23 14.32 -24.48
C GLU B 256 -21.23 13.54 -23.62
N ASN B 257 -22.46 13.40 -24.14
CA ASN B 257 -23.52 12.65 -23.45
C ASN B 257 -24.45 12.00 -24.47
N PRO B 258 -24.88 10.73 -24.27
CA PRO B 258 -25.85 10.10 -25.16
C PRO B 258 -27.20 10.85 -25.20
N ALA B 259 -27.73 11.04 -26.41
CA ALA B 259 -29.06 11.65 -26.71
C ALA B 259 -30.09 10.53 -26.93
N LYS B 260 -29.70 9.45 -27.63
CA LYS B 260 -30.55 8.26 -27.85
C LYS B 260 -29.69 7.05 -28.21
N VAL B 261 -30.29 5.88 -28.11
CA VAL B 261 -29.67 4.60 -28.57
C VAL B 261 -30.68 3.86 -29.44
N SER B 262 -30.26 3.38 -30.60
CA SER B 262 -31.04 2.49 -31.48
C SER B 262 -30.19 1.22 -31.72
N LEU B 263 -30.82 0.13 -32.17
CA LEU B 263 -30.11 -1.11 -32.58
C LEU B 263 -29.76 -1.03 -34.07
N ASN B 264 -28.48 -1.21 -34.41
CA ASN B 264 -27.98 -1.56 -35.77
C ASN B 264 -28.55 -2.92 -36.16
N THR B 265 -28.49 -3.27 -37.45
CA THR B 265 -29.17 -4.47 -38.02
C THR B 265 -28.56 -5.75 -37.43
N ASP B 266 -27.33 -5.72 -36.90
CA ASP B 266 -26.64 -6.89 -36.29
C ASP B 266 -26.87 -6.95 -34.77
N GLY B 267 -27.67 -6.03 -34.20
CA GLY B 267 -28.00 -6.00 -32.75
C GLY B 267 -27.01 -5.18 -31.92
N SER B 268 -25.92 -4.68 -32.50
CA SER B 268 -25.00 -3.71 -31.86
C SER B 268 -25.76 -2.40 -31.64
N LYS B 269 -25.23 -1.55 -30.76
CA LYS B 269 -25.94 -0.32 -30.31
C LYS B 269 -25.38 0.88 -31.07
N HIS B 270 -26.27 1.65 -31.69
CA HIS B 270 -25.92 2.90 -32.42
C HIS B 270 -26.17 4.07 -31.46
N VAL B 271 -25.11 4.73 -31.00
CA VAL B 271 -25.23 5.80 -29.98
C VAL B 271 -25.18 7.13 -30.71
N THR B 272 -26.19 7.97 -30.50
CA THR B 272 -26.14 9.39 -30.94
C THR B 272 -25.90 10.25 -29.70
N PHE B 273 -24.76 10.94 -29.68
CA PHE B 273 -24.38 11.92 -28.63
C PHE B 273 -25.07 13.26 -28.95
N GLU B 274 -25.34 14.05 -27.90
CA GLU B 274 -25.96 15.40 -28.00
C GLU B 274 -25.21 16.24 -29.03
N SER B 275 -23.91 16.06 -29.16
CA SER B 275 -23.03 16.76 -30.14
C SER B 275 -23.30 16.29 -31.57
N GLY B 276 -24.20 15.31 -31.76
CA GLY B 276 -24.48 14.71 -33.07
C GLY B 276 -23.53 13.57 -33.42
N LYS B 277 -22.33 13.52 -32.83
CA LYS B 277 -21.40 12.37 -32.98
C LYS B 277 -22.15 11.05 -32.76
N THR B 278 -21.62 9.97 -33.31
CA THR B 278 -22.23 8.62 -33.22
C THR B 278 -21.12 7.62 -32.92
N LEU B 279 -21.51 6.52 -32.28
CA LEU B 279 -20.58 5.44 -31.88
C LEU B 279 -21.33 4.13 -31.95
N ASP B 280 -20.75 3.15 -32.64
CA ASP B 280 -21.27 1.76 -32.63
C ASP B 280 -20.51 0.97 -31.56
N VAL B 281 -21.25 0.42 -30.60
CA VAL B 281 -20.67 -0.40 -29.49
C VAL B 281 -21.55 -1.62 -29.30
N ASP B 282 -21.03 -2.61 -28.58
CA ASP B 282 -21.73 -3.88 -28.25
C ASP B 282 -22.51 -3.67 -26.94
N VAL B 283 -21.98 -2.88 -26.02
CA VAL B 283 -22.62 -2.58 -24.71
C VAL B 283 -22.54 -1.07 -24.47
N VAL B 284 -23.63 -0.51 -23.96
CA VAL B 284 -23.74 0.85 -23.36
C VAL B 284 -24.02 0.68 -21.86
N MET B 285 -23.04 1.01 -21.03
CA MET B 285 -23.18 0.91 -19.55
C MET B 285 -23.37 2.30 -18.96
N MET B 286 -24.58 2.58 -18.50
CA MET B 286 -24.94 3.83 -17.80
C MET B 286 -24.42 3.78 -16.35
N ALA B 287 -23.44 4.62 -16.03
CA ALA B 287 -22.93 4.84 -14.64
C ALA B 287 -22.99 6.34 -14.33
N ILE B 288 -24.16 6.94 -14.44
CA ILE B 288 -24.34 8.43 -14.29
C ILE B 288 -24.86 8.77 -12.90
N GLY B 289 -25.08 7.79 -12.02
CA GLY B 289 -25.46 8.14 -10.64
C GLY B 289 -26.22 7.03 -9.97
N ARG B 290 -26.41 7.16 -8.68
CA ARG B 290 -27.15 6.14 -7.90
C ARG B 290 -28.17 6.86 -7.04
N ILE B 291 -29.40 6.37 -7.00
CA ILE B 291 -30.48 7.09 -6.29
C ILE B 291 -30.99 6.23 -5.15
N PRO B 292 -31.34 6.87 -4.02
CA PRO B 292 -31.79 6.16 -2.82
C PRO B 292 -33.01 5.29 -3.13
N ARG B 293 -33.13 4.10 -2.55
CA ARG B 293 -34.26 3.18 -2.88
C ARG B 293 -35.37 3.32 -1.86
N THR B 294 -36.29 4.26 -2.11
CA THR B 294 -37.38 4.63 -1.18
C THR B 294 -38.78 4.39 -1.81
N ASN B 295 -38.89 4.28 -3.13
CA ASN B 295 -40.18 4.02 -3.84
C ASN B 295 -40.94 2.88 -3.13
N ASP B 296 -40.24 1.77 -2.93
CA ASP B 296 -40.87 0.47 -2.58
C ASP B 296 -41.23 0.44 -1.10
N LEU B 297 -40.81 1.43 -0.32
CA LEU B 297 -40.97 1.36 1.16
C LEU B 297 -42.36 1.87 1.60
N GLN B 298 -43.12 2.50 0.70
CA GLN B 298 -44.49 3.01 1.03
C GLN B 298 -44.40 3.92 2.25
N LEU B 299 -43.38 4.79 2.27
CA LEU B 299 -43.09 5.68 3.44
C LEU B 299 -44.25 6.66 3.64
N GLY B 300 -45.03 6.95 2.60
CA GLY B 300 -46.34 7.62 2.69
C GLY B 300 -47.21 7.05 3.80
N ASN B 301 -47.10 5.76 4.12
CA ASN B 301 -47.92 5.08 5.16
C ASN B 301 -47.62 5.64 6.55
N VAL B 302 -46.45 6.23 6.76
CA VAL B 302 -46.06 6.69 8.12
C VAL B 302 -45.61 8.16 8.09
N GLY B 303 -45.43 8.75 6.91
CA GLY B 303 -45.04 10.18 6.76
C GLY B 303 -43.59 10.44 7.16
N VAL B 304 -42.67 9.53 6.85
CA VAL B 304 -41.19 9.75 6.94
C VAL B 304 -40.80 10.82 5.90
N LYS B 305 -40.05 11.82 6.32
CA LYS B 305 -39.72 12.95 5.43
C LYS B 305 -38.63 12.52 4.45
N LEU B 306 -38.92 12.61 3.15
CA LEU B 306 -37.92 12.46 2.05
C LEU B 306 -37.53 13.84 1.51
N THR B 307 -36.39 13.90 0.84
CA THR B 307 -35.91 15.06 0.04
C THR B 307 -36.53 14.95 -1.35
N PRO B 308 -36.58 16.04 -2.14
CA PRO B 308 -37.04 15.91 -3.53
C PRO B 308 -36.32 14.82 -4.35
N LYS B 309 -35.01 14.66 -4.12
CA LYS B 309 -34.13 13.58 -4.69
C LYS B 309 -34.67 12.18 -4.33
N GLY B 310 -35.34 12.03 -3.17
CA GLY B 310 -35.93 10.76 -2.70
C GLY B 310 -35.10 10.10 -1.60
N GLY B 311 -34.12 10.81 -1.02
CA GLY B 311 -33.36 10.28 0.12
C GLY B 311 -34.17 10.43 1.40
N VAL B 312 -33.95 9.56 2.38
CA VAL B 312 -34.55 9.74 3.72
C VAL B 312 -33.76 10.83 4.45
N GLN B 313 -34.42 11.92 4.81
CA GLN B 313 -33.79 12.98 5.64
C GLN B 313 -33.54 12.42 7.03
N VAL B 314 -32.34 12.64 7.55
CA VAL B 314 -31.91 12.14 8.88
C VAL B 314 -31.20 13.29 9.59
N ASP B 315 -31.22 13.26 10.92
CA ASP B 315 -30.34 14.10 11.74
C ASP B 315 -28.97 13.39 11.77
N GLU B 316 -28.03 13.91 12.56
CA GLU B 316 -26.65 13.37 12.69
C GLU B 316 -26.69 11.96 13.32
N PHE B 317 -27.76 11.64 14.06
CA PHE B 317 -27.89 10.32 14.74
C PHE B 317 -28.73 9.36 13.89
N SER B 318 -28.91 9.67 12.60
CA SER B 318 -29.63 8.79 11.64
C SER B 318 -31.14 8.68 11.99
N ARG B 319 -31.70 9.68 12.69
CA ARG B 319 -33.13 9.66 13.10
C ARG B 319 -33.97 10.39 12.04
N THR B 320 -35.02 9.74 11.56
CA THR B 320 -36.03 10.39 10.67
C THR B 320 -36.85 11.33 11.56
N ASN B 321 -37.81 12.03 10.96
CA ASN B 321 -38.85 12.86 11.65
C ASN B 321 -39.82 11.95 12.43
N VAL B 322 -39.79 10.64 12.22
CA VAL B 322 -40.72 9.72 12.95
C VAL B 322 -39.92 8.99 14.02
N PRO B 323 -40.30 9.15 15.31
CA PRO B 323 -39.61 8.44 16.39
C PRO B 323 -39.64 6.92 16.12
N ASN B 324 -38.57 6.24 16.51
CA ASN B 324 -38.44 4.77 16.40
C ASN B 324 -38.24 4.36 14.94
N ILE B 325 -38.11 5.31 14.00
CA ILE B 325 -37.76 5.00 12.58
C ILE B 325 -36.49 5.77 12.21
N TYR B 326 -35.46 5.03 11.76
CA TYR B 326 -34.10 5.51 11.46
C TYR B 326 -33.73 5.13 10.03
N ALA B 327 -32.73 5.80 9.47
CA ALA B 327 -32.20 5.49 8.12
C ALA B 327 -30.67 5.62 8.14
N ILE B 328 -29.98 4.61 7.59
CA ILE B 328 -28.50 4.63 7.45
C ILE B 328 -28.15 4.23 6.01
N GLY B 329 -26.93 4.58 5.59
CA GLY B 329 -26.34 4.09 4.34
C GLY B 329 -26.81 4.92 3.19
N ASP B 330 -26.74 4.36 1.99
CA ASP B 330 -26.94 5.15 0.76
C ASP B 330 -28.35 5.76 0.77
N ILE B 331 -29.36 5.06 1.31
CA ILE B 331 -30.77 5.58 1.34
C ILE B 331 -30.80 7.03 1.84
N THR B 332 -29.79 7.45 2.63
CA THR B 332 -29.72 8.84 3.18
C THR B 332 -29.02 9.78 2.20
N ASP B 333 -28.54 9.27 1.06
CA ASP B 333 -27.91 10.05 -0.04
C ASP B 333 -26.81 10.99 0.46
N ARG B 334 -25.92 10.55 1.34
CA ARG B 334 -24.76 11.37 1.74
C ARG B 334 -23.46 10.80 1.13
N LEU B 335 -22.65 10.06 1.91
CA LEU B 335 -21.43 9.39 1.40
C LEU B 335 -21.79 7.95 1.05
N MET B 336 -21.76 7.57 -0.21
CA MET B 336 -22.20 6.20 -0.57
C MET B 336 -20.99 5.25 -0.53
N LEU B 337 -20.56 4.93 0.70
CA LEU B 337 -19.46 3.97 0.97
C LEU B 337 -19.91 2.90 1.97
N THR B 338 -19.47 1.68 1.75
CA THR B 338 -19.78 0.52 2.61
C THR B 338 -19.35 0.83 4.04
N PRO B 339 -18.12 1.32 4.28
CA PRO B 339 -17.65 1.50 5.65
C PRO B 339 -18.39 2.64 6.32
N VAL B 340 -18.89 3.61 5.57
CA VAL B 340 -19.73 4.68 6.18
C VAL B 340 -21.07 4.08 6.63
N ALA B 341 -21.76 3.40 5.73
CA ALA B 341 -23.00 2.65 6.04
C ALA B 341 -22.79 1.87 7.32
N ILE B 342 -21.69 1.12 7.39
CA ILE B 342 -21.39 0.22 8.54
C ILE B 342 -21.22 1.10 9.78
N ASN B 343 -20.44 2.17 9.65
CA ASN B 343 -20.18 3.08 10.78
C ASN B 343 -21.52 3.68 11.27
N GLU B 344 -22.40 4.11 10.35
CA GLU B 344 -23.71 4.70 10.76
C GLU B 344 -24.55 3.63 11.51
N GLY B 345 -24.58 2.41 11.01
CA GLY B 345 -25.33 1.29 11.62
C GLY B 345 -24.91 1.04 13.05
N ALA B 346 -23.60 0.94 13.27
CA ALA B 346 -23.00 0.72 14.60
C ALA B 346 -23.32 1.88 15.51
N ALA B 347 -23.18 3.12 15.02
CA ALA B 347 -23.41 4.35 15.83
C ALA B 347 -24.88 4.45 16.23
N LEU B 348 -25.76 4.12 15.30
CA LEU B 348 -27.22 4.15 15.55
C LEU B 348 -27.54 3.18 16.68
N VAL B 349 -27.13 1.92 16.55
CA VAL B 349 -27.45 0.86 17.55
C VAL B 349 -26.86 1.23 18.91
N ASP B 350 -25.61 1.73 18.92
CA ASP B 350 -24.96 2.14 20.19
C ASP B 350 -25.80 3.24 20.84
N THR B 351 -26.26 4.20 20.04
CA THR B 351 -27.05 5.36 20.51
C THR B 351 -28.38 4.87 21.09
N VAL B 352 -29.10 4.05 20.32
CA VAL B 352 -30.53 3.75 20.57
C VAL B 352 -30.63 2.66 21.63
N PHE B 353 -29.85 1.58 21.52
CA PHE B 353 -29.94 0.38 22.38
C PHE B 353 -28.86 0.40 23.48
N GLY B 354 -27.75 1.10 23.28
CA GLY B 354 -26.66 1.18 24.28
C GLY B 354 -26.76 2.42 25.15
N ASN B 355 -27.57 3.41 24.77
CA ASN B 355 -27.53 4.78 25.37
C ASN B 355 -26.06 5.24 25.39
N LYS B 356 -25.36 5.04 24.26
CA LYS B 356 -23.94 5.39 24.07
C LYS B 356 -23.89 6.35 22.90
N PRO B 357 -24.32 7.61 23.13
CA PRO B 357 -24.65 8.52 22.05
C PRO B 357 -23.42 8.74 21.17
N ARG B 358 -23.58 8.52 19.88
CA ARG B 358 -22.47 8.58 18.90
C ARG B 358 -23.02 8.86 17.52
N LYS B 359 -22.33 9.73 16.79
CA LYS B 359 -22.69 10.12 15.41
C LYS B 359 -21.49 9.80 14.52
N THR B 360 -21.74 9.36 13.31
CA THR B 360 -20.69 9.06 12.32
C THR B 360 -20.04 10.39 11.89
N ASP B 361 -18.70 10.43 11.86
CA ASP B 361 -17.96 11.58 11.26
C ASP B 361 -17.85 11.29 9.76
N HIS B 362 -18.49 12.12 8.92
CA HIS B 362 -18.48 12.00 7.44
C HIS B 362 -17.32 12.81 6.84
N THR B 363 -16.49 13.45 7.67
CA THR B 363 -15.27 14.17 7.22
C THR B 363 -14.10 13.21 7.36
N ARG B 364 -13.08 13.39 6.52
CA ARG B 364 -11.75 12.74 6.68
C ARG B 364 -11.91 11.22 6.60
N VAL B 365 -12.85 10.81 5.75
CA VAL B 365 -13.10 9.38 5.43
C VAL B 365 -12.12 9.01 4.30
N ALA B 366 -11.23 8.07 4.56
CA ALA B 366 -10.37 7.52 3.49
C ALA B 366 -11.25 6.75 2.49
N SER B 367 -10.98 6.93 1.19
CA SER B 367 -11.64 6.20 0.10
C SER B 367 -10.67 5.97 -1.02
N ALA B 368 -11.11 5.23 -2.01
CA ALA B 368 -10.26 4.78 -3.11
C ALA B 368 -11.08 4.76 -4.39
N VAL B 369 -10.41 4.81 -5.53
CA VAL B 369 -10.99 4.47 -6.85
C VAL B 369 -10.08 3.38 -7.41
N PHE B 370 -10.61 2.19 -7.67
CA PHE B 370 -9.82 1.08 -8.26
C PHE B 370 -9.80 1.26 -9.76
N SER B 371 -9.37 2.45 -10.16
CA SER B 371 -8.89 2.72 -11.53
C SER B 371 -7.54 2.03 -11.71
N ILE B 372 -7.08 2.00 -12.95
CA ILE B 372 -5.73 1.51 -13.29
C ILE B 372 -5.01 2.69 -13.94
N PRO B 373 -4.07 3.32 -13.19
CA PRO B 373 -3.81 3.00 -11.79
C PRO B 373 -4.76 3.64 -10.78
N PRO B 374 -4.76 3.15 -9.52
CA PRO B 374 -5.77 3.57 -8.55
C PRO B 374 -5.54 4.90 -7.82
N ILE B 375 -6.57 5.36 -7.11
CA ILE B 375 -6.60 6.61 -6.33
C ILE B 375 -6.84 6.23 -4.88
N GLY B 376 -6.16 6.90 -3.96
CA GLY B 376 -6.52 6.87 -2.53
C GLY B 376 -6.60 8.30 -2.09
N THR B 377 -7.56 8.64 -1.25
CA THR B 377 -7.80 10.03 -0.86
C THR B 377 -8.43 10.06 0.53
N CYS B 378 -8.21 11.14 1.25
CA CYS B 378 -8.80 11.38 2.57
C CYS B 378 -8.80 12.89 2.78
N GLY B 379 -9.95 13.47 3.07
CA GLY B 379 -10.07 14.87 3.47
C GLY B 379 -10.25 15.75 2.25
N LEU B 380 -9.93 17.03 2.39
CA LEU B 380 -10.39 18.08 1.47
C LEU B 380 -9.46 18.16 0.28
N ILE B 381 -10.01 18.41 -0.88
CA ILE B 381 -9.20 18.88 -2.03
C ILE B 381 -8.92 20.36 -1.81
N GLU B 382 -7.95 20.88 -2.52
CA GLU B 382 -7.37 22.22 -2.22
C GLU B 382 -8.44 23.31 -2.49
N GLU B 383 -9.21 23.19 -3.58
CA GLU B 383 -10.24 24.20 -3.98
C GLU B 383 -11.25 24.35 -2.85
N VAL B 384 -11.62 23.22 -2.21
CA VAL B 384 -12.58 23.21 -1.07
C VAL B 384 -11.88 23.85 0.14
N ALA B 385 -10.67 23.40 0.47
CA ALA B 385 -9.92 23.92 1.62
C ALA B 385 -9.78 25.44 1.50
N ALA B 386 -9.56 25.93 0.28
CA ALA B 386 -9.22 27.33 -0.05
C ALA B 386 -10.40 28.27 0.25
N LYS B 387 -11.63 27.75 0.24
CA LYS B 387 -12.85 28.53 0.56
C LYS B 387 -13.05 28.55 2.08
N GLU B 388 -12.54 27.57 2.82
CA GLU B 388 -12.81 27.39 4.27
C GLU B 388 -11.66 27.92 5.14
N PHE B 389 -10.45 28.11 4.56
CA PHE B 389 -9.23 28.52 5.31
C PHE B 389 -8.55 29.66 4.59
N GLU B 390 -8.04 30.64 5.37
CA GLU B 390 -7.44 31.88 4.84
C GLU B 390 -6.16 31.57 4.05
N LYS B 391 -5.31 30.70 4.59
CA LYS B 391 -4.05 30.27 3.92
C LYS B 391 -4.01 28.74 3.86
N VAL B 392 -3.83 28.22 2.64
CA VAL B 392 -3.76 26.77 2.34
C VAL B 392 -2.43 26.52 1.62
N ALA B 393 -1.68 25.52 2.08
CA ALA B 393 -0.45 25.07 1.41
C ALA B 393 -0.72 23.75 0.69
N VAL B 394 -0.13 23.59 -0.49
CA VAL B 394 -0.12 22.32 -1.25
C VAL B 394 1.32 21.80 -1.34
N TYR B 395 1.57 20.60 -0.82
CA TYR B 395 2.84 19.86 -0.94
C TYR B 395 2.60 18.81 -2.01
N MET B 396 3.32 18.84 -3.11
CA MET B 396 3.04 17.92 -4.24
C MET B 396 4.35 17.30 -4.73
N SER B 397 4.33 15.99 -4.91
CA SER B 397 5.39 15.15 -5.55
C SER B 397 4.73 14.40 -6.69
N SER B 398 5.27 14.49 -7.89
CA SER B 398 4.71 13.84 -9.11
C SER B 398 5.86 13.40 -10.00
N PHE B 399 5.93 12.13 -10.36
CA PHE B 399 7.10 11.52 -11.03
C PHE B 399 6.73 10.09 -11.42
N THR B 400 7.11 9.66 -12.63
CA THR B 400 7.12 8.23 -13.00
C THR B 400 8.07 7.47 -12.08
N PRO B 401 7.62 6.55 -11.21
CA PRO B 401 8.54 5.77 -10.39
C PRO B 401 9.46 4.94 -11.29
N LEU B 402 10.61 4.61 -10.73
CA LEU B 402 11.73 3.94 -11.43
C LEU B 402 11.22 2.63 -12.06
N MET B 403 10.50 1.81 -11.28
CA MET B 403 10.05 0.46 -11.75
C MET B 403 9.31 0.66 -13.07
N HIS B 404 8.67 1.82 -13.30
CA HIS B 404 7.83 2.06 -14.50
C HIS B 404 8.61 2.66 -15.67
N ASN B 405 9.81 3.15 -15.44
CA ASN B 405 10.79 3.42 -16.53
C ASN B 405 11.18 2.07 -17.15
N ILE B 406 11.55 1.09 -16.31
CA ILE B 406 11.95 -0.28 -16.75
C ILE B 406 10.75 -1.04 -17.36
N SER B 407 9.60 -1.02 -16.68
CA SER B 407 8.37 -1.75 -17.11
C SER B 407 7.92 -1.33 -18.52
N GLY B 408 8.21 -0.10 -18.95
CA GLY B 408 7.71 0.47 -20.20
C GLY B 408 6.47 1.33 -19.98
N SER B 409 5.87 1.33 -18.79
CA SER B 409 4.70 2.20 -18.48
C SER B 409 5.18 3.57 -17.98
N LYS B 410 5.87 4.33 -18.83
CA LYS B 410 6.50 5.62 -18.42
C LYS B 410 5.42 6.67 -18.14
N TYR B 411 4.20 6.44 -18.59
CA TYR B 411 3.02 7.32 -18.34
C TYR B 411 2.53 7.21 -16.87
N LYS B 412 2.95 6.19 -16.13
CA LYS B 412 2.37 5.90 -14.80
C LYS B 412 3.04 6.80 -13.75
N LYS B 413 2.74 8.08 -13.80
CA LYS B 413 3.17 9.06 -12.78
C LYS B 413 2.44 8.74 -11.49
N PHE B 414 3.16 8.55 -10.40
CA PHE B 414 2.62 8.55 -9.02
C PHE B 414 2.45 10.01 -8.59
N VAL B 415 1.26 10.37 -8.12
CA VAL B 415 1.02 11.74 -7.61
C VAL B 415 0.78 11.57 -6.11
N ALA B 416 1.49 12.32 -5.28
CA ALA B 416 1.18 12.46 -3.84
C ALA B 416 1.01 13.95 -3.52
N LYS B 417 -0.13 14.33 -2.94
CA LYS B 417 -0.40 15.74 -2.56
C LYS B 417 -0.92 15.77 -1.14
N ILE B 418 -0.37 16.71 -0.36
CA ILE B 418 -0.86 17.01 1.01
C ILE B 418 -1.33 18.45 0.98
N VAL B 419 -2.58 18.66 1.41
CA VAL B 419 -3.20 19.99 1.56
C VAL B 419 -3.21 20.33 3.05
N THR B 420 -2.75 21.54 3.42
CA THR B 420 -2.68 21.94 4.85
C THR B 420 -3.40 23.26 5.07
N ASN B 421 -3.86 23.44 6.30
CA ASN B 421 -4.07 24.78 6.89
C ASN B 421 -2.69 25.38 7.16
N HIS B 422 -2.20 26.29 6.31
CA HIS B 422 -0.82 26.85 6.43
C HIS B 422 -0.65 27.70 7.70
N SER B 423 -1.74 28.20 8.28
CA SER B 423 -1.70 28.96 9.57
C SER B 423 -1.17 28.06 10.67
N ASP B 424 -1.45 26.76 10.68
CA ASP B 424 -0.92 25.88 11.76
C ASP B 424 -0.29 24.59 11.21
N GLY B 425 -0.38 24.31 9.91
CA GLY B 425 0.22 23.10 9.31
C GLY B 425 -0.64 21.85 9.41
N THR B 426 -1.85 21.93 9.98
CA THR B 426 -2.84 20.81 10.07
C THR B 426 -3.12 20.26 8.66
N VAL B 427 -2.94 18.97 8.47
CA VAL B 427 -3.28 18.28 7.17
C VAL B 427 -4.80 18.27 7.02
N LEU B 428 -5.31 18.86 5.94
CA LEU B 428 -6.75 18.91 5.58
C LEU B 428 -7.11 17.78 4.61
N GLY B 429 -6.19 17.40 3.73
CA GLY B 429 -6.40 16.42 2.66
C GLY B 429 -5.09 15.76 2.23
N VAL B 430 -5.17 14.46 1.91
CA VAL B 430 -4.05 13.72 1.28
C VAL B 430 -4.62 13.02 0.05
N HIS B 431 -4.01 13.17 -1.11
CA HIS B 431 -4.56 12.66 -2.38
C HIS B 431 -3.43 11.95 -3.12
N LEU B 432 -3.65 10.66 -3.44
CA LEU B 432 -2.64 9.76 -4.06
C LEU B 432 -3.20 9.18 -5.35
N LEU B 433 -2.33 9.07 -6.36
CA LEU B 433 -2.60 8.31 -7.58
C LEU B 433 -1.39 7.42 -7.85
N GLY B 434 -1.62 6.12 -8.00
CA GLY B 434 -0.59 5.15 -8.43
C GLY B 434 -0.72 3.84 -7.67
N ASP B 435 -0.02 2.81 -8.12
CA ASP B 435 -0.12 1.46 -7.51
C ASP B 435 0.05 1.62 -6.00
N GLY B 436 -0.79 0.97 -5.22
CA GLY B 436 -0.71 1.00 -3.74
C GLY B 436 -1.54 2.07 -3.08
N ALA B 437 -2.00 3.08 -3.82
CA ALA B 437 -2.61 4.29 -3.22
C ALA B 437 -3.73 3.90 -2.24
N PRO B 438 -4.66 2.97 -2.56
CA PRO B 438 -5.74 2.63 -1.63
C PRO B 438 -5.26 2.05 -0.30
N GLU B 439 -4.18 1.25 -0.35
CA GLU B 439 -3.48 0.63 0.80
C GLU B 439 -2.77 1.72 1.61
N ILE B 440 -2.15 2.69 0.96
CA ILE B 440 -1.34 3.76 1.63
C ILE B 440 -2.25 4.68 2.42
N ILE B 441 -3.42 5.05 1.86
CA ILE B 441 -4.29 6.13 2.39
C ILE B 441 -4.94 5.68 3.70
N GLN B 442 -5.08 4.38 3.97
CA GLN B 442 -5.82 3.88 5.16
C GLN B 442 -5.24 4.50 6.43
N ALA B 443 -3.96 4.26 6.74
CA ALA B 443 -3.35 4.76 7.98
C ALA B 443 -3.32 6.30 7.95
N VAL B 444 -3.40 6.91 6.77
CA VAL B 444 -3.52 8.41 6.63
C VAL B 444 -4.85 8.85 7.25
N GLY B 445 -5.89 8.02 7.11
CA GLY B 445 -7.17 8.33 7.77
C GLY B 445 -6.97 8.44 9.27
N VAL B 446 -6.14 7.58 9.84
CA VAL B 446 -5.86 7.61 11.30
C VAL B 446 -5.09 8.89 11.63
N CYS B 447 -4.19 9.33 10.74
CA CYS B 447 -3.36 10.56 10.91
C CYS B 447 -4.29 11.78 11.01
N LEU B 448 -5.29 11.87 10.13
CA LEU B 448 -6.20 13.03 10.07
C LEU B 448 -7.15 13.04 11.28
N ARG B 449 -7.57 11.87 11.77
CA ARG B 449 -8.29 11.77 13.05
C ARG B 449 -7.43 12.33 14.18
N LEU B 450 -6.10 12.21 14.11
CA LEU B 450 -5.18 12.65 15.18
C LEU B 450 -4.66 14.07 14.93
N ASN B 451 -5.30 14.80 14.00
CA ASN B 451 -4.96 16.21 13.65
C ASN B 451 -3.47 16.31 13.30
N ALA B 452 -2.92 15.31 12.62
CA ALA B 452 -1.55 15.32 12.10
C ALA B 452 -1.29 16.66 11.38
N LYS B 453 -0.07 17.17 11.56
CA LYS B 453 0.42 18.37 10.83
C LYS B 453 1.41 17.87 9.78
N ILE B 454 1.77 18.71 8.82
CA ILE B 454 2.80 18.37 7.80
C ILE B 454 4.12 18.02 8.49
N SER B 455 4.47 18.70 9.60
CA SER B 455 5.69 18.38 10.38
C SER B 455 5.62 16.94 10.88
N ASP B 456 4.44 16.42 11.21
CA ASP B 456 4.30 15.02 11.70
C ASP B 456 4.63 14.05 10.55
N PHE B 457 4.23 14.38 9.34
CA PHE B 457 4.61 13.59 8.13
C PHE B 457 6.11 13.68 7.83
N TYR B 458 6.69 14.88 7.75
N TYR B 458 6.66 14.89 7.72
CA TYR B 458 8.09 15.03 7.26
CA TYR B 458 8.07 15.11 7.31
C TYR B 458 9.09 14.67 8.37
C TYR B 458 9.01 14.49 8.36
N ASN B 459 8.70 14.64 9.65
CA ASN B 459 9.62 14.17 10.73
C ASN B 459 9.52 12.66 10.92
N THR B 460 8.51 12.02 10.33
CA THR B 460 8.45 10.54 10.32
C THR B 460 9.49 10.02 9.32
N ILE B 461 10.24 9.02 9.73
CA ILE B 461 11.26 8.35 8.88
C ILE B 461 10.56 7.51 7.78
N GLY B 462 10.98 7.71 6.53
CA GLY B 462 10.50 6.96 5.35
C GLY B 462 10.75 5.47 5.49
N VAL B 463 9.88 4.65 4.88
CA VAL B 463 10.16 3.23 4.51
C VAL B 463 10.61 3.32 3.06
N HIS B 464 11.78 2.80 2.76
CA HIS B 464 12.39 2.96 1.43
C HIS B 464 12.81 1.59 0.96
N PRO B 465 12.63 1.28 -0.35
CA PRO B 465 11.91 2.15 -1.27
C PRO B 465 10.39 1.88 -1.33
N THR B 466 9.58 2.94 -1.27
CA THR B 466 8.12 2.85 -1.37
C THR B 466 7.63 4.08 -2.11
N SER B 467 6.43 4.01 -2.64
CA SER B 467 5.71 5.23 -3.10
C SER B 467 5.29 6.02 -1.86
N ALA B 468 4.84 5.37 -0.79
CA ALA B 468 4.31 6.04 0.41
C ALA B 468 5.31 7.03 1.02
N GLU B 469 6.62 6.74 0.96
CA GLU B 469 7.64 7.60 1.63
C GLU B 469 7.58 8.99 1.04
N GLU B 470 7.02 9.20 -0.15
CA GLU B 470 6.88 10.58 -0.70
C GLU B 470 6.18 11.48 0.29
N LEU B 471 5.17 10.93 1.00
CA LEU B 471 4.36 11.67 1.99
C LEU B 471 5.21 12.19 3.13
N CYS B 472 6.37 11.58 3.42
CA CYS B 472 7.19 11.92 4.61
C CYS B 472 8.47 12.66 4.16
N SER B 473 8.52 13.05 2.90
CA SER B 473 9.70 13.64 2.22
C SER B 473 9.39 15.06 1.72
N MET B 474 8.25 15.63 2.09
CA MET B 474 7.82 16.95 1.58
C MET B 474 7.88 17.95 2.74
N ARG B 475 8.85 18.87 2.61
CA ARG B 475 9.31 19.86 3.61
C ARG B 475 8.72 21.22 3.22
N THR B 476 8.56 21.47 1.91
CA THR B 476 8.32 22.82 1.34
C THR B 476 7.09 22.84 0.45
N PRO B 477 6.13 23.78 0.69
CA PRO B 477 4.98 23.96 -0.21
C PRO B 477 5.40 24.06 -1.69
N SER B 478 4.61 23.48 -2.60
CA SER B 478 4.71 23.64 -4.07
C SER B 478 3.98 24.93 -4.47
N TYR B 479 2.89 25.26 -3.78
CA TYR B 479 2.16 26.54 -3.97
C TYR B 479 1.16 26.73 -2.82
N TYR B 480 0.44 27.84 -2.87
CA TYR B 480 -0.47 28.26 -1.78
C TYR B 480 -1.80 28.75 -2.39
N TYR B 481 -2.83 28.75 -1.54
CA TYR B 481 -4.04 29.58 -1.69
C TYR B 481 -4.09 30.52 -0.48
N VAL B 482 -4.27 31.79 -0.80
CA VAL B 482 -4.43 32.88 0.20
C VAL B 482 -5.75 33.56 -0.15
N LYS B 483 -6.72 33.56 0.77
CA LYS B 483 -8.10 34.09 0.55
C LYS B 483 -8.65 33.57 -0.78
N GLY B 484 -8.56 32.25 -1.03
CA GLY B 484 -9.12 31.57 -2.21
C GLY B 484 -8.28 31.72 -3.48
N GLU B 485 -7.22 32.53 -3.46
CA GLU B 485 -6.40 32.82 -4.66
C GLU B 485 -5.17 31.93 -4.67
N LYS B 486 -4.95 31.23 -5.78
CA LYS B 486 -3.74 30.40 -6.00
C LYS B 486 -2.53 31.32 -6.20
N MET B 487 -1.44 31.06 -5.47
CA MET B 487 -0.17 31.82 -5.52
C MET B 487 0.99 30.86 -5.75
N GLU B 488 1.32 31.03 -6.97
CA GLU B 488 2.41 30.03 -7.19
C GLU B 488 3.71 30.55 -6.57
#